data_1K18
# 
_entry.id   1K18 
# 
_audit_conform.dict_name       mmcif_pdbx.dic 
_audit_conform.dict_version    5.392 
_audit_conform.dict_location   http://mmcif.pdb.org/dictionaries/ascii/mmcif_pdbx.dic 
# 
loop_
_database_2.database_id 
_database_2.database_code 
_database_2.pdbx_database_accession 
_database_2.pdbx_DOI 
PDB   1K18         pdb_00001k18 10.2210/pdb1k18/pdb 
RCSB  RCSB014432   ?            ?                   
WWPDB D_1000014432 ?            ?                   
# 
loop_
_pdbx_audit_revision_history.ordinal 
_pdbx_audit_revision_history.data_content_type 
_pdbx_audit_revision_history.major_revision 
_pdbx_audit_revision_history.minor_revision 
_pdbx_audit_revision_history.revision_date 
1 'Structure model' 1 0 2003-06-24 
2 'Structure model' 1 1 2008-04-27 
3 'Structure model' 1 2 2011-07-13 
4 'Structure model' 1 3 2022-02-23 
5 'Structure model' 1 4 2024-05-22 
# 
_pdbx_audit_revision_details.ordinal             1 
_pdbx_audit_revision_details.revision_ordinal    1 
_pdbx_audit_revision_details.data_content_type   'Structure model' 
_pdbx_audit_revision_details.provider            repository 
_pdbx_audit_revision_details.type                'Initial release' 
_pdbx_audit_revision_details.description         ? 
_pdbx_audit_revision_details.details             ? 
# 
loop_
_pdbx_audit_revision_group.ordinal 
_pdbx_audit_revision_group.revision_ordinal 
_pdbx_audit_revision_group.data_content_type 
_pdbx_audit_revision_group.group 
1 2 'Structure model' 'Version format compliance' 
2 3 'Structure model' 'Version format compliance' 
3 4 'Structure model' 'Data collection'           
4 4 'Structure model' 'Database references'       
5 4 'Structure model' 'Derived calculations'      
6 5 'Structure model' 'Data collection'           
# 
loop_
_pdbx_audit_revision_category.ordinal 
_pdbx_audit_revision_category.revision_ordinal 
_pdbx_audit_revision_category.data_content_type 
_pdbx_audit_revision_category.category 
1 4 'Structure model' database_2            
2 4 'Structure model' pdbx_nmr_software     
3 4 'Structure model' pdbx_nmr_spectrometer 
4 4 'Structure model' pdbx_struct_assembly  
5 4 'Structure model' pdbx_struct_oper_list 
6 5 'Structure model' chem_comp_atom        
7 5 'Structure model' chem_comp_bond        
# 
loop_
_pdbx_audit_revision_item.ordinal 
_pdbx_audit_revision_item.revision_ordinal 
_pdbx_audit_revision_item.data_content_type 
_pdbx_audit_revision_item.item 
1 4 'Structure model' '_database_2.pdbx_DOI'                
2 4 'Structure model' '_database_2.pdbx_database_accession' 
3 4 'Structure model' '_pdbx_nmr_software.name'             
4 4 'Structure model' '_pdbx_nmr_spectrometer.model'        
# 
_pdbx_database_status.status_code                     REL 
_pdbx_database_status.entry_id                        1K18 
_pdbx_database_status.recvd_initial_deposition_date   2001-09-24 
_pdbx_database_status.deposit_site                    RCSB 
_pdbx_database_status.process_site                    RCSB 
_pdbx_database_status.status_code_mr                  REL 
_pdbx_database_status.SG_entry                        . 
_pdbx_database_status.pdb_format_compatible           Y 
_pdbx_database_status.status_code_sf                  ? 
_pdbx_database_status.status_code_cs                  ? 
_pdbx_database_status.status_code_nmr_data            ? 
_pdbx_database_status.methods_development_category    ? 
# 
_pdbx_database_related.db_name        PDB 
_pdbx_database_related.db_id          1K0P 
_pdbx_database_related.details        'NMR structures of the zinc finger domain of human DNA polymerase-alpha' 
_pdbx_database_related.content_type   unspecified 
# 
loop_
_audit_author.name 
_audit_author.pdbx_ordinal 
'Evanics, F.'  1 
'Maurmann, L.' 2 
'Yang, W.W.'   3 
'Bose, R.N.'   4 
# 
loop_
_citation.id 
_citation.title 
_citation.journal_abbrev 
_citation.journal_volume 
_citation.page_first 
_citation.page_last 
_citation.year 
_citation.journal_id_ASTM 
_citation.country 
_citation.journal_id_ISSN 
_citation.journal_id_CSD 
_citation.book_publisher 
_citation.pdbx_database_id_PubMed 
_citation.pdbx_database_id_DOI 
primary 'Nuclear magnetic resonance structures of the zinc finger domain of human DNA polymerase-alpha.' Biochim.Biophys.Acta     
1651 163  171  2003 BBACAQ NE 0006-3002 0113 ? 14499601 '10.1016/S1570-9639(03)00266-8' 
1       'Unwinding of DNA polymerases by the antitumor drug, cis-diamminedichloroplatinum(II)'           J.CHEM.SOC.,CHEM.COMMUN. 
10   1128 1129 2003 ?      UK 1359-7345 ?    ? ?        10.1039/b301356a                
# 
loop_
_citation_author.citation_id 
_citation_author.name 
_citation_author.ordinal 
_citation_author.identifier_ORCID 
primary 'Evanics, F.'  1 ? 
primary 'Maurmann, L.' 2 ? 
primary 'Yang, W.W.'   3 ? 
primary 'Bose, R.N.'   4 ? 
1       'Volckova, E.' 5 ? 
1       'Evanics, F.'  6 ? 
1       'Yang, W.W.'   7 ? 
1       'Bose, R.N.'   8 ? 
# 
_entity.id                         1 
_entity.type                       polymer 
_entity.src_method                 syn 
_entity.pdbx_description           'DNA POLYMERASE ALPHA CATALYTIC SUBUNIT' 
_entity.formula_weight             3536.204 
_entity.pdbx_number_of_molecules   1 
_entity.pdbx_ec                    2.7.7.7 
_entity.pdbx_mutation              ? 
_entity.pdbx_fragment              'zinc finger domain (residues 1347-1377)' 
_entity.details                    ? 
# 
_entity_poly.entity_id                      1 
_entity_poly.type                           'polypeptide(L)' 
_entity_poly.nstd_linkage                   no 
_entity_poly.nstd_monomer                   no 
_entity_poly.pdbx_seq_one_letter_code       ICEEPTCRNRTRHLPLQFSRTGPLCPACMKA 
_entity_poly.pdbx_seq_one_letter_code_can   ICEEPTCRNRTRHLPLQFSRTGPLCPACMKA 
_entity_poly.pdbx_strand_id                 A 
_entity_poly.pdbx_target_identifier         ? 
# 
loop_
_entity_poly_seq.entity_id 
_entity_poly_seq.num 
_entity_poly_seq.mon_id 
_entity_poly_seq.hetero 
1 1  ILE n 
1 2  CYS n 
1 3  GLU n 
1 4  GLU n 
1 5  PRO n 
1 6  THR n 
1 7  CYS n 
1 8  ARG n 
1 9  ASN n 
1 10 ARG n 
1 11 THR n 
1 12 ARG n 
1 13 HIS n 
1 14 LEU n 
1 15 PRO n 
1 16 LEU n 
1 17 GLN n 
1 18 PHE n 
1 19 SER n 
1 20 ARG n 
1 21 THR n 
1 22 GLY n 
1 23 PRO n 
1 24 LEU n 
1 25 CYS n 
1 26 PRO n 
1 27 ALA n 
1 28 CYS n 
1 29 MET n 
1 30 LYS n 
1 31 ALA n 
# 
_pdbx_entity_src_syn.entity_id              1 
_pdbx_entity_src_syn.pdbx_src_id            1 
_pdbx_entity_src_syn.pdbx_alt_source_flag   sample 
_pdbx_entity_src_syn.pdbx_beg_seq_num       ? 
_pdbx_entity_src_syn.pdbx_end_seq_num       ? 
_pdbx_entity_src_syn.organism_scientific    ? 
_pdbx_entity_src_syn.organism_common_name   ? 
_pdbx_entity_src_syn.ncbi_taxonomy_id       ? 
_pdbx_entity_src_syn.details                'The sequence occurs naturally in humans.' 
# 
loop_
_chem_comp.id 
_chem_comp.type 
_chem_comp.mon_nstd_flag 
_chem_comp.name 
_chem_comp.pdbx_synonyms 
_chem_comp.formula 
_chem_comp.formula_weight 
ALA 'L-peptide linking' y ALANINE         ? 'C3 H7 N O2'     89.093  
ARG 'L-peptide linking' y ARGININE        ? 'C6 H15 N4 O2 1' 175.209 
ASN 'L-peptide linking' y ASPARAGINE      ? 'C4 H8 N2 O3'    132.118 
CYS 'L-peptide linking' y CYSTEINE        ? 'C3 H7 N O2 S'   121.158 
GLN 'L-peptide linking' y GLUTAMINE       ? 'C5 H10 N2 O3'   146.144 
GLU 'L-peptide linking' y 'GLUTAMIC ACID' ? 'C5 H9 N O4'     147.129 
GLY 'peptide linking'   y GLYCINE         ? 'C2 H5 N O2'     75.067  
HIS 'L-peptide linking' y HISTIDINE       ? 'C6 H10 N3 O2 1' 156.162 
ILE 'L-peptide linking' y ISOLEUCINE      ? 'C6 H13 N O2'    131.173 
LEU 'L-peptide linking' y LEUCINE         ? 'C6 H13 N O2'    131.173 
LYS 'L-peptide linking' y LYSINE          ? 'C6 H15 N2 O2 1' 147.195 
MET 'L-peptide linking' y METHIONINE      ? 'C5 H11 N O2 S'  149.211 
PHE 'L-peptide linking' y PHENYLALANINE   ? 'C9 H11 N O2'    165.189 
PRO 'L-peptide linking' y PROLINE         ? 'C5 H9 N O2'     115.130 
SER 'L-peptide linking' y SERINE          ? 'C3 H7 N O3'     105.093 
THR 'L-peptide linking' y THREONINE       ? 'C4 H9 N O3'     119.119 
# 
loop_
_pdbx_poly_seq_scheme.asym_id 
_pdbx_poly_seq_scheme.entity_id 
_pdbx_poly_seq_scheme.seq_id 
_pdbx_poly_seq_scheme.mon_id 
_pdbx_poly_seq_scheme.ndb_seq_num 
_pdbx_poly_seq_scheme.pdb_seq_num 
_pdbx_poly_seq_scheme.auth_seq_num 
_pdbx_poly_seq_scheme.pdb_mon_id 
_pdbx_poly_seq_scheme.auth_mon_id 
_pdbx_poly_seq_scheme.pdb_strand_id 
_pdbx_poly_seq_scheme.pdb_ins_code 
_pdbx_poly_seq_scheme.hetero 
A 1 1  ILE 1  1  1  ILE ILE A . n 
A 1 2  CYS 2  2  2  CYS CYS A . n 
A 1 3  GLU 3  3  3  GLU GLU A . n 
A 1 4  GLU 4  4  4  GLU GLU A . n 
A 1 5  PRO 5  5  5  PRO PRO A . n 
A 1 6  THR 6  6  6  THR THR A . n 
A 1 7  CYS 7  7  7  CYS CYS A . n 
A 1 8  ARG 8  8  8  ARG ARG A . n 
A 1 9  ASN 9  9  9  ASN ASN A . n 
A 1 10 ARG 10 10 10 ARG ARG A . n 
A 1 11 THR 11 11 11 THR THR A . n 
A 1 12 ARG 12 12 12 ARG ARG A . n 
A 1 13 HIS 13 13 13 HIS HIS A . n 
A 1 14 LEU 14 14 14 LEU LEU A . n 
A 1 15 PRO 15 15 15 PRO PRO A . n 
A 1 16 LEU 16 16 16 LEU LEU A . n 
A 1 17 GLN 17 17 17 GLN GLN A . n 
A 1 18 PHE 18 18 18 PHE PHE A . n 
A 1 19 SER 19 19 19 SER SER A . n 
A 1 20 ARG 20 20 20 ARG ARG A . n 
A 1 21 THR 21 21 21 THR THR A . n 
A 1 22 GLY 22 22 22 GLY GLY A . n 
A 1 23 PRO 23 23 23 PRO PRO A . n 
A 1 24 LEU 24 24 24 LEU LEU A . n 
A 1 25 CYS 25 25 25 CYS CYS A . n 
A 1 26 PRO 26 26 26 PRO PRO A . n 
A 1 27 ALA 27 27 27 ALA ALA A . n 
A 1 28 CYS 28 28 28 CYS CYS A . n 
A 1 29 MET 29 29 29 MET MET A . n 
A 1 30 LYS 30 30 30 LYS LYS A . n 
A 1 31 ALA 31 31 31 ALA ALA A . n 
# 
_exptl.entry_id          1K18 
_exptl.method            'SOLUTION NMR' 
_exptl.crystals_number   ? 
# 
_exptl_crystal.id                    1 
_exptl_crystal.density_meas          ? 
_exptl_crystal.density_Matthews      ? 
_exptl_crystal.density_percent_sol   ? 
_exptl_crystal.description           ? 
# 
_diffrn.id                     1 
_diffrn.ambient_temp           ? 
_diffrn.ambient_temp_details   ? 
_diffrn.crystal_id             1 
# 
_diffrn_radiation.diffrn_id                        1 
_diffrn_radiation.wavelength_id                    1 
_diffrn_radiation.pdbx_monochromatic_or_laue_m_l   M 
_diffrn_radiation.monochromator                    ? 
_diffrn_radiation.pdbx_diffrn_protocol             'SINGLE WAVELENGTH' 
_diffrn_radiation.pdbx_scattering_type             ? 
# 
_diffrn_radiation_wavelength.id           1 
_diffrn_radiation_wavelength.wavelength   . 
_diffrn_radiation_wavelength.wt           1.0 
# 
_struct.entry_id                  1K18 
_struct.title                     'Minimized Average NMR Structure of the Zinc Finger Domain of Human DNA Polymerase-alpha' 
_struct.pdbx_model_details        ? 
_struct.pdbx_CASP_flag            ? 
_struct.pdbx_model_type_details   'minimized average' 
# 
_struct_keywords.entry_id        1K18 
_struct_keywords.pdbx_keywords   TRANSFERASE 
_struct_keywords.text            'zinc finger protein, DNA binding domain, polymerase-alpha, TRANSFERASE' 
# 
_struct_asym.id                            A 
_struct_asym.pdbx_blank_PDB_chainid_flag   N 
_struct_asym.pdbx_modified                 N 
_struct_asym.entity_id                     1 
_struct_asym.details                       ? 
# 
_struct_ref.id                         1 
_struct_ref.db_name                    UNP 
_struct_ref.db_code                    DPOA_HUMAN 
_struct_ref.entity_id                  1 
_struct_ref.pdbx_seq_one_letter_code   ICEEPTCRNRTRHLPLQFSRTGPLCPACMKA 
_struct_ref.pdbx_align_begin           1347 
_struct_ref.pdbx_db_accession          P09884 
_struct_ref.pdbx_db_isoform            ? 
# 
_struct_ref_seq.align_id                      1 
_struct_ref_seq.ref_id                        1 
_struct_ref_seq.pdbx_PDB_id_code              1K18 
_struct_ref_seq.pdbx_strand_id                A 
_struct_ref_seq.seq_align_beg                 1 
_struct_ref_seq.pdbx_seq_align_beg_ins_code   ? 
_struct_ref_seq.seq_align_end                 31 
_struct_ref_seq.pdbx_seq_align_end_ins_code   ? 
_struct_ref_seq.pdbx_db_accession             P09884 
_struct_ref_seq.db_align_beg                  1347 
_struct_ref_seq.pdbx_db_align_beg_ins_code    ? 
_struct_ref_seq.db_align_end                  1377 
_struct_ref_seq.pdbx_db_align_end_ins_code    ? 
_struct_ref_seq.pdbx_auth_seq_align_beg       1 
_struct_ref_seq.pdbx_auth_seq_align_end       31 
# 
_pdbx_struct_assembly.id                   1 
_pdbx_struct_assembly.details              author_defined_assembly 
_pdbx_struct_assembly.method_details       ? 
_pdbx_struct_assembly.oligomeric_details   monomeric 
_pdbx_struct_assembly.oligomeric_count     1 
# 
_pdbx_struct_assembly_gen.assembly_id       1 
_pdbx_struct_assembly_gen.oper_expression   1 
_pdbx_struct_assembly_gen.asym_id_list      A 
# 
_pdbx_struct_oper_list.id                   1 
_pdbx_struct_oper_list.type                 'identity operation' 
_pdbx_struct_oper_list.name                 1_555 
_pdbx_struct_oper_list.symmetry_operation   x,y,z 
_pdbx_struct_oper_list.matrix[1][1]         1.0000000000 
_pdbx_struct_oper_list.matrix[1][2]         0.0000000000 
_pdbx_struct_oper_list.matrix[1][3]         0.0000000000 
_pdbx_struct_oper_list.vector[1]            0.0000000000 
_pdbx_struct_oper_list.matrix[2][1]         0.0000000000 
_pdbx_struct_oper_list.matrix[2][2]         1.0000000000 
_pdbx_struct_oper_list.matrix[2][3]         0.0000000000 
_pdbx_struct_oper_list.vector[2]            0.0000000000 
_pdbx_struct_oper_list.matrix[3][1]         0.0000000000 
_pdbx_struct_oper_list.matrix[3][2]         0.0000000000 
_pdbx_struct_oper_list.matrix[3][3]         1.0000000000 
_pdbx_struct_oper_list.vector[3]            0.0000000000 
# 
_struct_biol.id   1 
# 
_struct_conf.conf_type_id            HELX_P 
_struct_conf.id                      HELX_P1 
_struct_conf.pdbx_PDB_helix_id       1 
_struct_conf.beg_label_comp_id       GLU 
_struct_conf.beg_label_asym_id       A 
_struct_conf.beg_label_seq_id        4 
_struct_conf.pdbx_beg_PDB_ins_code   ? 
_struct_conf.end_label_comp_id       HIS 
_struct_conf.end_label_asym_id       A 
_struct_conf.end_label_seq_id        13 
_struct_conf.pdbx_end_PDB_ins_code   ? 
_struct_conf.beg_auth_comp_id        GLU 
_struct_conf.beg_auth_asym_id        A 
_struct_conf.beg_auth_seq_id         4 
_struct_conf.end_auth_comp_id        HIS 
_struct_conf.end_auth_asym_id        A 
_struct_conf.end_auth_seq_id         13 
_struct_conf.pdbx_PDB_helix_class    1 
_struct_conf.details                 ? 
_struct_conf.pdbx_PDB_helix_length   10 
# 
_struct_conf_type.id          HELX_P 
_struct_conf_type.criteria    ? 
_struct_conf_type.reference   ? 
# 
loop_
_struct_mon_prot_cis.pdbx_id 
_struct_mon_prot_cis.label_comp_id 
_struct_mon_prot_cis.label_seq_id 
_struct_mon_prot_cis.label_asym_id 
_struct_mon_prot_cis.label_alt_id 
_struct_mon_prot_cis.pdbx_PDB_ins_code 
_struct_mon_prot_cis.auth_comp_id 
_struct_mon_prot_cis.auth_seq_id 
_struct_mon_prot_cis.auth_asym_id 
_struct_mon_prot_cis.pdbx_label_comp_id_2 
_struct_mon_prot_cis.pdbx_label_seq_id_2 
_struct_mon_prot_cis.pdbx_label_asym_id_2 
_struct_mon_prot_cis.pdbx_PDB_ins_code_2 
_struct_mon_prot_cis.pdbx_auth_comp_id_2 
_struct_mon_prot_cis.pdbx_auth_seq_id_2 
_struct_mon_prot_cis.pdbx_auth_asym_id_2 
_struct_mon_prot_cis.pdbx_PDB_model_num 
_struct_mon_prot_cis.pdbx_omega_angle 
1 GLY 22 A . ? GLY 22 A PRO 23 A ? PRO 23 A 1 0.53  
2 CYS 25 A . ? CYS 25 A PRO 26 A ? PRO 26 A 1 16.95 
# 
loop_
_pdbx_validate_rmsd_bond.id 
_pdbx_validate_rmsd_bond.PDB_model_num 
_pdbx_validate_rmsd_bond.auth_atom_id_1 
_pdbx_validate_rmsd_bond.auth_asym_id_1 
_pdbx_validate_rmsd_bond.auth_comp_id_1 
_pdbx_validate_rmsd_bond.auth_seq_id_1 
_pdbx_validate_rmsd_bond.PDB_ins_code_1 
_pdbx_validate_rmsd_bond.label_alt_id_1 
_pdbx_validate_rmsd_bond.auth_atom_id_2 
_pdbx_validate_rmsd_bond.auth_asym_id_2 
_pdbx_validate_rmsd_bond.auth_comp_id_2 
_pdbx_validate_rmsd_bond.auth_seq_id_2 
_pdbx_validate_rmsd_bond.PDB_ins_code_2 
_pdbx_validate_rmsd_bond.label_alt_id_2 
_pdbx_validate_rmsd_bond.bond_value 
_pdbx_validate_rmsd_bond.bond_target_value 
_pdbx_validate_rmsd_bond.bond_deviation 
_pdbx_validate_rmsd_bond.bond_standard_deviation 
_pdbx_validate_rmsd_bond.linker_flag 
1 1 CD A GLU 3 ? ? OE2 A GLU 3 ? ? 1.360 1.252 0.108 0.011 N 
2 1 CD A GLU 4 ? ? OE2 A GLU 4 ? ? 1.360 1.252 0.108 0.011 N 
# 
loop_
_pdbx_validate_rmsd_angle.id 
_pdbx_validate_rmsd_angle.PDB_model_num 
_pdbx_validate_rmsd_angle.auth_atom_id_1 
_pdbx_validate_rmsd_angle.auth_asym_id_1 
_pdbx_validate_rmsd_angle.auth_comp_id_1 
_pdbx_validate_rmsd_angle.auth_seq_id_1 
_pdbx_validate_rmsd_angle.PDB_ins_code_1 
_pdbx_validate_rmsd_angle.label_alt_id_1 
_pdbx_validate_rmsd_angle.auth_atom_id_2 
_pdbx_validate_rmsd_angle.auth_asym_id_2 
_pdbx_validate_rmsd_angle.auth_comp_id_2 
_pdbx_validate_rmsd_angle.auth_seq_id_2 
_pdbx_validate_rmsd_angle.PDB_ins_code_2 
_pdbx_validate_rmsd_angle.label_alt_id_2 
_pdbx_validate_rmsd_angle.auth_atom_id_3 
_pdbx_validate_rmsd_angle.auth_asym_id_3 
_pdbx_validate_rmsd_angle.auth_comp_id_3 
_pdbx_validate_rmsd_angle.auth_seq_id_3 
_pdbx_validate_rmsd_angle.PDB_ins_code_3 
_pdbx_validate_rmsd_angle.label_alt_id_3 
_pdbx_validate_rmsd_angle.angle_value 
_pdbx_validate_rmsd_angle.angle_target_value 
_pdbx_validate_rmsd_angle.angle_deviation 
_pdbx_validate_rmsd_angle.angle_standard_deviation 
_pdbx_validate_rmsd_angle.linker_flag 
1 1 N   A GLU 4  ? ? CA  A GLU 4  ? ? C   A GLU 4  ? ? 127.83 111.00 16.83 2.70 N 
2 1 NE  A ARG 8  ? ? CZ  A ARG 8  ? ? NH1 A ARG 8  ? ? 124.48 120.30 4.18  0.50 N 
3 1 NE  A ARG 10 ? ? CZ  A ARG 10 ? ? NH1 A ARG 10 ? ? 124.43 120.30 4.13  0.50 N 
4 1 NE  A ARG 12 ? ? CZ  A ARG 12 ? ? NH1 A ARG 12 ? ? 124.76 120.30 4.46  0.50 N 
5 1 NE  A ARG 12 ? ? CZ  A ARG 12 ? ? NH2 A ARG 12 ? ? 117.25 120.30 -3.05 0.50 N 
6 1 ND1 A HIS 13 ? ? CE1 A HIS 13 ? ? NE2 A HIS 13 ? ? 119.93 111.50 8.43  1.30 N 
7 1 NE  A ARG 20 ? ? CZ  A ARG 20 ? ? NH1 A ARG 20 ? ? 124.52 120.30 4.22  0.50 N 
8 1 NE  A ARG 20 ? ? CZ  A ARG 20 ? ? NH2 A ARG 20 ? ? 117.26 120.30 -3.04 0.50 N 
# 
loop_
_pdbx_validate_torsion.id 
_pdbx_validate_torsion.PDB_model_num 
_pdbx_validate_torsion.auth_comp_id 
_pdbx_validate_torsion.auth_asym_id 
_pdbx_validate_torsion.auth_seq_id 
_pdbx_validate_torsion.PDB_ins_code 
_pdbx_validate_torsion.label_alt_id 
_pdbx_validate_torsion.phi 
_pdbx_validate_torsion.psi 
1 1 GLU A 4  ? ? -66.40  3.53  
2 1 PRO A 15 ? ? -66.39  20.86 
3 1 PRO A 23 ? ? -113.27 69.97 
# 
loop_
_pdbx_validate_peptide_omega.id 
_pdbx_validate_peptide_omega.PDB_model_num 
_pdbx_validate_peptide_omega.auth_comp_id_1 
_pdbx_validate_peptide_omega.auth_asym_id_1 
_pdbx_validate_peptide_omega.auth_seq_id_1 
_pdbx_validate_peptide_omega.PDB_ins_code_1 
_pdbx_validate_peptide_omega.label_alt_id_1 
_pdbx_validate_peptide_omega.auth_comp_id_2 
_pdbx_validate_peptide_omega.auth_asym_id_2 
_pdbx_validate_peptide_omega.auth_seq_id_2 
_pdbx_validate_peptide_omega.PDB_ins_code_2 
_pdbx_validate_peptide_omega.label_alt_id_2 
_pdbx_validate_peptide_omega.omega 
1 1 GLU A 4  ? ? PRO A 5  ? ? 138.79 
2 1 THR A 11 ? ? ARG A 12 ? ? 149.47 
3 1 LEU A 14 ? ? PRO A 15 ? ? 142.24 
4 1 PRO A 15 ? ? LEU A 16 ? ? 129.27 
5 1 GLN A 17 ? ? PHE A 18 ? ? 118.37 
6 1 SER A 19 ? ? ARG A 20 ? ? 134.59 
7 1 LEU A 24 ? ? CYS A 25 ? ? -56.98 
8 1 PRO A 26 ? ? ALA A 27 ? ? 62.89  
# 
_pdbx_validate_planes.id              1 
_pdbx_validate_planes.PDB_model_num   1 
_pdbx_validate_planes.auth_comp_id    PHE 
_pdbx_validate_planes.auth_asym_id    A 
_pdbx_validate_planes.auth_seq_id     18 
_pdbx_validate_planes.PDB_ins_code    ? 
_pdbx_validate_planes.label_alt_id    ? 
_pdbx_validate_planes.rmsd            0.100 
_pdbx_validate_planes.type            'SIDE CHAIN' 
# 
_pdbx_nmr_ensemble.entry_id                             1K18 
_pdbx_nmr_ensemble.conformers_calculated_total_number   ? 
_pdbx_nmr_ensemble.conformers_submitted_total_number    1 
_pdbx_nmr_ensemble.conformer_selection_criteria         ? 
# 
_pdbx_nmr_representative.entry_id             1K18 
_pdbx_nmr_representative.conformer_id         ? 
_pdbx_nmr_representative.selection_criteria   'minimized average structure' 
# 
_pdbx_nmr_sample_details.solution_id      1 
_pdbx_nmr_sample_details.contents         '3mM Zinc Finger Peptide; 3.6 mM Zn(II)nitrate' 
_pdbx_nmr_sample_details.solvent_system   '90% H2O/10% D2O' 
# 
_pdbx_nmr_exptl_sample_conditions.conditions_id       1 
_pdbx_nmr_exptl_sample_conditions.temperature         296 
_pdbx_nmr_exptl_sample_conditions.pressure            ambient 
_pdbx_nmr_exptl_sample_conditions.pH                  6.8 
_pdbx_nmr_exptl_sample_conditions.ionic_strength      ? 
_pdbx_nmr_exptl_sample_conditions.pressure_units      ? 
_pdbx_nmr_exptl_sample_conditions.temperature_units   K 
# 
loop_
_pdbx_nmr_exptl.experiment_id 
_pdbx_nmr_exptl.solution_id 
_pdbx_nmr_exptl.conditions_id 
_pdbx_nmr_exptl.type 
1 1 1 '2D NOESY' 
2 1 1 DQF-COSY   
3 1 1 TOCSY      
# 
_pdbx_nmr_details.entry_id   1K18 
_pdbx_nmr_details.text       
'This structure was determined using standard 2D homonuclear experiments. The NOESY mixing time was 200 ms.' 
# 
_pdbx_nmr_refine.entry_id           1K18 
_pdbx_nmr_refine.method             'simulated annealing followed by restrained molecular mechanics' 
_pdbx_nmr_refine.details            
'190 NOE derived distance restraints and 4 dihedral angle restraints were used for the calculations.' 
_pdbx_nmr_refine.software_ordinal   1 
# 
loop_
_pdbx_nmr_software.name 
_pdbx_nmr_software.version 
_pdbx_nmr_software.classification 
_pdbx_nmr_software.authors 
_pdbx_nmr_software.ordinal 
XwinNMR   3.0  processing                    BRUKER                                 1 
CORMA     5.2  'iterative matrix relaxation' 'Borgias; Thomas; Liu; Kumar; Tonelli' 2 
MARDIGRAS 3.2  'iterative matrix relaxation' 'Borgias; Thomas; Liu; Kumar; Tonelli' 3 
DGII      97.0 'structure solution'          MSI                                    4 
Discover  97.0 refinement                    MSI                                    5 
# 
loop_
_chem_comp_atom.comp_id 
_chem_comp_atom.atom_id 
_chem_comp_atom.type_symbol 
_chem_comp_atom.pdbx_aromatic_flag 
_chem_comp_atom.pdbx_stereo_config 
_chem_comp_atom.pdbx_ordinal 
ALA N    N N N 1   
ALA CA   C N S 2   
ALA C    C N N 3   
ALA O    O N N 4   
ALA CB   C N N 5   
ALA OXT  O N N 6   
ALA H    H N N 7   
ALA H2   H N N 8   
ALA HA   H N N 9   
ALA HB1  H N N 10  
ALA HB2  H N N 11  
ALA HB3  H N N 12  
ALA HXT  H N N 13  
ARG N    N N N 14  
ARG CA   C N S 15  
ARG C    C N N 16  
ARG O    O N N 17  
ARG CB   C N N 18  
ARG CG   C N N 19  
ARG CD   C N N 20  
ARG NE   N N N 21  
ARG CZ   C N N 22  
ARG NH1  N N N 23  
ARG NH2  N N N 24  
ARG OXT  O N N 25  
ARG H    H N N 26  
ARG H2   H N N 27  
ARG HA   H N N 28  
ARG HB2  H N N 29  
ARG HB3  H N N 30  
ARG HG2  H N N 31  
ARG HG3  H N N 32  
ARG HD2  H N N 33  
ARG HD3  H N N 34  
ARG HE   H N N 35  
ARG HH11 H N N 36  
ARG HH12 H N N 37  
ARG HH21 H N N 38  
ARG HH22 H N N 39  
ARG HXT  H N N 40  
ASN N    N N N 41  
ASN CA   C N S 42  
ASN C    C N N 43  
ASN O    O N N 44  
ASN CB   C N N 45  
ASN CG   C N N 46  
ASN OD1  O N N 47  
ASN ND2  N N N 48  
ASN OXT  O N N 49  
ASN H    H N N 50  
ASN H2   H N N 51  
ASN HA   H N N 52  
ASN HB2  H N N 53  
ASN HB3  H N N 54  
ASN HD21 H N N 55  
ASN HD22 H N N 56  
ASN HXT  H N N 57  
CYS N    N N N 58  
CYS CA   C N R 59  
CYS C    C N N 60  
CYS O    O N N 61  
CYS CB   C N N 62  
CYS SG   S N N 63  
CYS OXT  O N N 64  
CYS H    H N N 65  
CYS H2   H N N 66  
CYS HA   H N N 67  
CYS HB2  H N N 68  
CYS HB3  H N N 69  
CYS HG   H N N 70  
CYS HXT  H N N 71  
GLN N    N N N 72  
GLN CA   C N S 73  
GLN C    C N N 74  
GLN O    O N N 75  
GLN CB   C N N 76  
GLN CG   C N N 77  
GLN CD   C N N 78  
GLN OE1  O N N 79  
GLN NE2  N N N 80  
GLN OXT  O N N 81  
GLN H    H N N 82  
GLN H2   H N N 83  
GLN HA   H N N 84  
GLN HB2  H N N 85  
GLN HB3  H N N 86  
GLN HG2  H N N 87  
GLN HG3  H N N 88  
GLN HE21 H N N 89  
GLN HE22 H N N 90  
GLN HXT  H N N 91  
GLU N    N N N 92  
GLU CA   C N S 93  
GLU C    C N N 94  
GLU O    O N N 95  
GLU CB   C N N 96  
GLU CG   C N N 97  
GLU CD   C N N 98  
GLU OE1  O N N 99  
GLU OE2  O N N 100 
GLU OXT  O N N 101 
GLU H    H N N 102 
GLU H2   H N N 103 
GLU HA   H N N 104 
GLU HB2  H N N 105 
GLU HB3  H N N 106 
GLU HG2  H N N 107 
GLU HG3  H N N 108 
GLU HE2  H N N 109 
GLU HXT  H N N 110 
GLY N    N N N 111 
GLY CA   C N N 112 
GLY C    C N N 113 
GLY O    O N N 114 
GLY OXT  O N N 115 
GLY H    H N N 116 
GLY H2   H N N 117 
GLY HA2  H N N 118 
GLY HA3  H N N 119 
GLY HXT  H N N 120 
HIS N    N N N 121 
HIS CA   C N S 122 
HIS C    C N N 123 
HIS O    O N N 124 
HIS CB   C N N 125 
HIS CG   C Y N 126 
HIS ND1  N Y N 127 
HIS CD2  C Y N 128 
HIS CE1  C Y N 129 
HIS NE2  N Y N 130 
HIS OXT  O N N 131 
HIS H    H N N 132 
HIS H2   H N N 133 
HIS HA   H N N 134 
HIS HB2  H N N 135 
HIS HB3  H N N 136 
HIS HD1  H N N 137 
HIS HD2  H N N 138 
HIS HE1  H N N 139 
HIS HE2  H N N 140 
HIS HXT  H N N 141 
ILE N    N N N 142 
ILE CA   C N S 143 
ILE C    C N N 144 
ILE O    O N N 145 
ILE CB   C N S 146 
ILE CG1  C N N 147 
ILE CG2  C N N 148 
ILE CD1  C N N 149 
ILE OXT  O N N 150 
ILE H    H N N 151 
ILE H2   H N N 152 
ILE HA   H N N 153 
ILE HB   H N N 154 
ILE HG12 H N N 155 
ILE HG13 H N N 156 
ILE HG21 H N N 157 
ILE HG22 H N N 158 
ILE HG23 H N N 159 
ILE HD11 H N N 160 
ILE HD12 H N N 161 
ILE HD13 H N N 162 
ILE HXT  H N N 163 
LEU N    N N N 164 
LEU CA   C N S 165 
LEU C    C N N 166 
LEU O    O N N 167 
LEU CB   C N N 168 
LEU CG   C N N 169 
LEU CD1  C N N 170 
LEU CD2  C N N 171 
LEU OXT  O N N 172 
LEU H    H N N 173 
LEU H2   H N N 174 
LEU HA   H N N 175 
LEU HB2  H N N 176 
LEU HB3  H N N 177 
LEU HG   H N N 178 
LEU HD11 H N N 179 
LEU HD12 H N N 180 
LEU HD13 H N N 181 
LEU HD21 H N N 182 
LEU HD22 H N N 183 
LEU HD23 H N N 184 
LEU HXT  H N N 185 
LYS N    N N N 186 
LYS CA   C N S 187 
LYS C    C N N 188 
LYS O    O N N 189 
LYS CB   C N N 190 
LYS CG   C N N 191 
LYS CD   C N N 192 
LYS CE   C N N 193 
LYS NZ   N N N 194 
LYS OXT  O N N 195 
LYS H    H N N 196 
LYS H2   H N N 197 
LYS HA   H N N 198 
LYS HB2  H N N 199 
LYS HB3  H N N 200 
LYS HG2  H N N 201 
LYS HG3  H N N 202 
LYS HD2  H N N 203 
LYS HD3  H N N 204 
LYS HE2  H N N 205 
LYS HE3  H N N 206 
LYS HZ1  H N N 207 
LYS HZ2  H N N 208 
LYS HZ3  H N N 209 
LYS HXT  H N N 210 
MET N    N N N 211 
MET CA   C N S 212 
MET C    C N N 213 
MET O    O N N 214 
MET CB   C N N 215 
MET CG   C N N 216 
MET SD   S N N 217 
MET CE   C N N 218 
MET OXT  O N N 219 
MET H    H N N 220 
MET H2   H N N 221 
MET HA   H N N 222 
MET HB2  H N N 223 
MET HB3  H N N 224 
MET HG2  H N N 225 
MET HG3  H N N 226 
MET HE1  H N N 227 
MET HE2  H N N 228 
MET HE3  H N N 229 
MET HXT  H N N 230 
PHE N    N N N 231 
PHE CA   C N S 232 
PHE C    C N N 233 
PHE O    O N N 234 
PHE CB   C N N 235 
PHE CG   C Y N 236 
PHE CD1  C Y N 237 
PHE CD2  C Y N 238 
PHE CE1  C Y N 239 
PHE CE2  C Y N 240 
PHE CZ   C Y N 241 
PHE OXT  O N N 242 
PHE H    H N N 243 
PHE H2   H N N 244 
PHE HA   H N N 245 
PHE HB2  H N N 246 
PHE HB3  H N N 247 
PHE HD1  H N N 248 
PHE HD2  H N N 249 
PHE HE1  H N N 250 
PHE HE2  H N N 251 
PHE HZ   H N N 252 
PHE HXT  H N N 253 
PRO N    N N N 254 
PRO CA   C N S 255 
PRO C    C N N 256 
PRO O    O N N 257 
PRO CB   C N N 258 
PRO CG   C N N 259 
PRO CD   C N N 260 
PRO OXT  O N N 261 
PRO H    H N N 262 
PRO HA   H N N 263 
PRO HB2  H N N 264 
PRO HB3  H N N 265 
PRO HG2  H N N 266 
PRO HG3  H N N 267 
PRO HD2  H N N 268 
PRO HD3  H N N 269 
PRO HXT  H N N 270 
SER N    N N N 271 
SER CA   C N S 272 
SER C    C N N 273 
SER O    O N N 274 
SER CB   C N N 275 
SER OG   O N N 276 
SER OXT  O N N 277 
SER H    H N N 278 
SER H2   H N N 279 
SER HA   H N N 280 
SER HB2  H N N 281 
SER HB3  H N N 282 
SER HG   H N N 283 
SER HXT  H N N 284 
THR N    N N N 285 
THR CA   C N S 286 
THR C    C N N 287 
THR O    O N N 288 
THR CB   C N R 289 
THR OG1  O N N 290 
THR CG2  C N N 291 
THR OXT  O N N 292 
THR H    H N N 293 
THR H2   H N N 294 
THR HA   H N N 295 
THR HB   H N N 296 
THR HG1  H N N 297 
THR HG21 H N N 298 
THR HG22 H N N 299 
THR HG23 H N N 300 
THR HXT  H N N 301 
# 
loop_
_chem_comp_bond.comp_id 
_chem_comp_bond.atom_id_1 
_chem_comp_bond.atom_id_2 
_chem_comp_bond.value_order 
_chem_comp_bond.pdbx_aromatic_flag 
_chem_comp_bond.pdbx_stereo_config 
_chem_comp_bond.pdbx_ordinal 
ALA N   CA   sing N N 1   
ALA N   H    sing N N 2   
ALA N   H2   sing N N 3   
ALA CA  C    sing N N 4   
ALA CA  CB   sing N N 5   
ALA CA  HA   sing N N 6   
ALA C   O    doub N N 7   
ALA C   OXT  sing N N 8   
ALA CB  HB1  sing N N 9   
ALA CB  HB2  sing N N 10  
ALA CB  HB3  sing N N 11  
ALA OXT HXT  sing N N 12  
ARG N   CA   sing N N 13  
ARG N   H    sing N N 14  
ARG N   H2   sing N N 15  
ARG CA  C    sing N N 16  
ARG CA  CB   sing N N 17  
ARG CA  HA   sing N N 18  
ARG C   O    doub N N 19  
ARG C   OXT  sing N N 20  
ARG CB  CG   sing N N 21  
ARG CB  HB2  sing N N 22  
ARG CB  HB3  sing N N 23  
ARG CG  CD   sing N N 24  
ARG CG  HG2  sing N N 25  
ARG CG  HG3  sing N N 26  
ARG CD  NE   sing N N 27  
ARG CD  HD2  sing N N 28  
ARG CD  HD3  sing N N 29  
ARG NE  CZ   sing N N 30  
ARG NE  HE   sing N N 31  
ARG CZ  NH1  sing N N 32  
ARG CZ  NH2  doub N N 33  
ARG NH1 HH11 sing N N 34  
ARG NH1 HH12 sing N N 35  
ARG NH2 HH21 sing N N 36  
ARG NH2 HH22 sing N N 37  
ARG OXT HXT  sing N N 38  
ASN N   CA   sing N N 39  
ASN N   H    sing N N 40  
ASN N   H2   sing N N 41  
ASN CA  C    sing N N 42  
ASN CA  CB   sing N N 43  
ASN CA  HA   sing N N 44  
ASN C   O    doub N N 45  
ASN C   OXT  sing N N 46  
ASN CB  CG   sing N N 47  
ASN CB  HB2  sing N N 48  
ASN CB  HB3  sing N N 49  
ASN CG  OD1  doub N N 50  
ASN CG  ND2  sing N N 51  
ASN ND2 HD21 sing N N 52  
ASN ND2 HD22 sing N N 53  
ASN OXT HXT  sing N N 54  
CYS N   CA   sing N N 55  
CYS N   H    sing N N 56  
CYS N   H2   sing N N 57  
CYS CA  C    sing N N 58  
CYS CA  CB   sing N N 59  
CYS CA  HA   sing N N 60  
CYS C   O    doub N N 61  
CYS C   OXT  sing N N 62  
CYS CB  SG   sing N N 63  
CYS CB  HB2  sing N N 64  
CYS CB  HB3  sing N N 65  
CYS SG  HG   sing N N 66  
CYS OXT HXT  sing N N 67  
GLN N   CA   sing N N 68  
GLN N   H    sing N N 69  
GLN N   H2   sing N N 70  
GLN CA  C    sing N N 71  
GLN CA  CB   sing N N 72  
GLN CA  HA   sing N N 73  
GLN C   O    doub N N 74  
GLN C   OXT  sing N N 75  
GLN CB  CG   sing N N 76  
GLN CB  HB2  sing N N 77  
GLN CB  HB3  sing N N 78  
GLN CG  CD   sing N N 79  
GLN CG  HG2  sing N N 80  
GLN CG  HG3  sing N N 81  
GLN CD  OE1  doub N N 82  
GLN CD  NE2  sing N N 83  
GLN NE2 HE21 sing N N 84  
GLN NE2 HE22 sing N N 85  
GLN OXT HXT  sing N N 86  
GLU N   CA   sing N N 87  
GLU N   H    sing N N 88  
GLU N   H2   sing N N 89  
GLU CA  C    sing N N 90  
GLU CA  CB   sing N N 91  
GLU CA  HA   sing N N 92  
GLU C   O    doub N N 93  
GLU C   OXT  sing N N 94  
GLU CB  CG   sing N N 95  
GLU CB  HB2  sing N N 96  
GLU CB  HB3  sing N N 97  
GLU CG  CD   sing N N 98  
GLU CG  HG2  sing N N 99  
GLU CG  HG3  sing N N 100 
GLU CD  OE1  doub N N 101 
GLU CD  OE2  sing N N 102 
GLU OE2 HE2  sing N N 103 
GLU OXT HXT  sing N N 104 
GLY N   CA   sing N N 105 
GLY N   H    sing N N 106 
GLY N   H2   sing N N 107 
GLY CA  C    sing N N 108 
GLY CA  HA2  sing N N 109 
GLY CA  HA3  sing N N 110 
GLY C   O    doub N N 111 
GLY C   OXT  sing N N 112 
GLY OXT HXT  sing N N 113 
HIS N   CA   sing N N 114 
HIS N   H    sing N N 115 
HIS N   H2   sing N N 116 
HIS CA  C    sing N N 117 
HIS CA  CB   sing N N 118 
HIS CA  HA   sing N N 119 
HIS C   O    doub N N 120 
HIS C   OXT  sing N N 121 
HIS CB  CG   sing N N 122 
HIS CB  HB2  sing N N 123 
HIS CB  HB3  sing N N 124 
HIS CG  ND1  sing Y N 125 
HIS CG  CD2  doub Y N 126 
HIS ND1 CE1  doub Y N 127 
HIS ND1 HD1  sing N N 128 
HIS CD2 NE2  sing Y N 129 
HIS CD2 HD2  sing N N 130 
HIS CE1 NE2  sing Y N 131 
HIS CE1 HE1  sing N N 132 
HIS NE2 HE2  sing N N 133 
HIS OXT HXT  sing N N 134 
ILE N   CA   sing N N 135 
ILE N   H    sing N N 136 
ILE N   H2   sing N N 137 
ILE CA  C    sing N N 138 
ILE CA  CB   sing N N 139 
ILE CA  HA   sing N N 140 
ILE C   O    doub N N 141 
ILE C   OXT  sing N N 142 
ILE CB  CG1  sing N N 143 
ILE CB  CG2  sing N N 144 
ILE CB  HB   sing N N 145 
ILE CG1 CD1  sing N N 146 
ILE CG1 HG12 sing N N 147 
ILE CG1 HG13 sing N N 148 
ILE CG2 HG21 sing N N 149 
ILE CG2 HG22 sing N N 150 
ILE CG2 HG23 sing N N 151 
ILE CD1 HD11 sing N N 152 
ILE CD1 HD12 sing N N 153 
ILE CD1 HD13 sing N N 154 
ILE OXT HXT  sing N N 155 
LEU N   CA   sing N N 156 
LEU N   H    sing N N 157 
LEU N   H2   sing N N 158 
LEU CA  C    sing N N 159 
LEU CA  CB   sing N N 160 
LEU CA  HA   sing N N 161 
LEU C   O    doub N N 162 
LEU C   OXT  sing N N 163 
LEU CB  CG   sing N N 164 
LEU CB  HB2  sing N N 165 
LEU CB  HB3  sing N N 166 
LEU CG  CD1  sing N N 167 
LEU CG  CD2  sing N N 168 
LEU CG  HG   sing N N 169 
LEU CD1 HD11 sing N N 170 
LEU CD1 HD12 sing N N 171 
LEU CD1 HD13 sing N N 172 
LEU CD2 HD21 sing N N 173 
LEU CD2 HD22 sing N N 174 
LEU CD2 HD23 sing N N 175 
LEU OXT HXT  sing N N 176 
LYS N   CA   sing N N 177 
LYS N   H    sing N N 178 
LYS N   H2   sing N N 179 
LYS CA  C    sing N N 180 
LYS CA  CB   sing N N 181 
LYS CA  HA   sing N N 182 
LYS C   O    doub N N 183 
LYS C   OXT  sing N N 184 
LYS CB  CG   sing N N 185 
LYS CB  HB2  sing N N 186 
LYS CB  HB3  sing N N 187 
LYS CG  CD   sing N N 188 
LYS CG  HG2  sing N N 189 
LYS CG  HG3  sing N N 190 
LYS CD  CE   sing N N 191 
LYS CD  HD2  sing N N 192 
LYS CD  HD3  sing N N 193 
LYS CE  NZ   sing N N 194 
LYS CE  HE2  sing N N 195 
LYS CE  HE3  sing N N 196 
LYS NZ  HZ1  sing N N 197 
LYS NZ  HZ2  sing N N 198 
LYS NZ  HZ3  sing N N 199 
LYS OXT HXT  sing N N 200 
MET N   CA   sing N N 201 
MET N   H    sing N N 202 
MET N   H2   sing N N 203 
MET CA  C    sing N N 204 
MET CA  CB   sing N N 205 
MET CA  HA   sing N N 206 
MET C   O    doub N N 207 
MET C   OXT  sing N N 208 
MET CB  CG   sing N N 209 
MET CB  HB2  sing N N 210 
MET CB  HB3  sing N N 211 
MET CG  SD   sing N N 212 
MET CG  HG2  sing N N 213 
MET CG  HG3  sing N N 214 
MET SD  CE   sing N N 215 
MET CE  HE1  sing N N 216 
MET CE  HE2  sing N N 217 
MET CE  HE3  sing N N 218 
MET OXT HXT  sing N N 219 
PHE N   CA   sing N N 220 
PHE N   H    sing N N 221 
PHE N   H2   sing N N 222 
PHE CA  C    sing N N 223 
PHE CA  CB   sing N N 224 
PHE CA  HA   sing N N 225 
PHE C   O    doub N N 226 
PHE C   OXT  sing N N 227 
PHE CB  CG   sing N N 228 
PHE CB  HB2  sing N N 229 
PHE CB  HB3  sing N N 230 
PHE CG  CD1  doub Y N 231 
PHE CG  CD2  sing Y N 232 
PHE CD1 CE1  sing Y N 233 
PHE CD1 HD1  sing N N 234 
PHE CD2 CE2  doub Y N 235 
PHE CD2 HD2  sing N N 236 
PHE CE1 CZ   doub Y N 237 
PHE CE1 HE1  sing N N 238 
PHE CE2 CZ   sing Y N 239 
PHE CE2 HE2  sing N N 240 
PHE CZ  HZ   sing N N 241 
PHE OXT HXT  sing N N 242 
PRO N   CA   sing N N 243 
PRO N   CD   sing N N 244 
PRO N   H    sing N N 245 
PRO CA  C    sing N N 246 
PRO CA  CB   sing N N 247 
PRO CA  HA   sing N N 248 
PRO C   O    doub N N 249 
PRO C   OXT  sing N N 250 
PRO CB  CG   sing N N 251 
PRO CB  HB2  sing N N 252 
PRO CB  HB3  sing N N 253 
PRO CG  CD   sing N N 254 
PRO CG  HG2  sing N N 255 
PRO CG  HG3  sing N N 256 
PRO CD  HD2  sing N N 257 
PRO CD  HD3  sing N N 258 
PRO OXT HXT  sing N N 259 
SER N   CA   sing N N 260 
SER N   H    sing N N 261 
SER N   H2   sing N N 262 
SER CA  C    sing N N 263 
SER CA  CB   sing N N 264 
SER CA  HA   sing N N 265 
SER C   O    doub N N 266 
SER C   OXT  sing N N 267 
SER CB  OG   sing N N 268 
SER CB  HB2  sing N N 269 
SER CB  HB3  sing N N 270 
SER OG  HG   sing N N 271 
SER OXT HXT  sing N N 272 
THR N   CA   sing N N 273 
THR N   H    sing N N 274 
THR N   H2   sing N N 275 
THR CA  C    sing N N 276 
THR CA  CB   sing N N 277 
THR CA  HA   sing N N 278 
THR C   O    doub N N 279 
THR C   OXT  sing N N 280 
THR CB  OG1  sing N N 281 
THR CB  CG2  sing N N 282 
THR CB  HB   sing N N 283 
THR OG1 HG1  sing N N 284 
THR CG2 HG21 sing N N 285 
THR CG2 HG22 sing N N 286 
THR CG2 HG23 sing N N 287 
THR OXT HXT  sing N N 288 
# 
loop_
_pdbx_nmr_spectrometer.spectrometer_id 
_pdbx_nmr_spectrometer.type 
_pdbx_nmr_spectrometer.manufacturer 
_pdbx_nmr_spectrometer.model 
_pdbx_nmr_spectrometer.field_strength 
1 ? Bruker AVANCE 800 
2 ? Varian UNITY  500 
# 
_atom_sites.entry_id                    1K18 
_atom_sites.fract_transf_matrix[1][1]   1.000000 
_atom_sites.fract_transf_matrix[1][2]   0.000000 
_atom_sites.fract_transf_matrix[1][3]   0.000000 
_atom_sites.fract_transf_matrix[2][1]   0.000000 
_atom_sites.fract_transf_matrix[2][2]   1.000000 
_atom_sites.fract_transf_matrix[2][3]   0.000000 
_atom_sites.fract_transf_matrix[3][1]   0.000000 
_atom_sites.fract_transf_matrix[3][2]   0.000000 
_atom_sites.fract_transf_matrix[3][3]   1.000000 
_atom_sites.fract_transf_vector[1]      0.00000 
_atom_sites.fract_transf_vector[2]      0.00000 
_atom_sites.fract_transf_vector[3]      0.00000 
# 
loop_
_atom_type.symbol 
C 
H 
N 
O 
S 
# 
loop_
_atom_site.group_PDB 
_atom_site.id 
_atom_site.type_symbol 
_atom_site.label_atom_id 
_atom_site.label_alt_id 
_atom_site.label_comp_id 
_atom_site.label_asym_id 
_atom_site.label_entity_id 
_atom_site.label_seq_id 
_atom_site.pdbx_PDB_ins_code 
_atom_site.Cartn_x 
_atom_site.Cartn_y 
_atom_site.Cartn_z 
_atom_site.occupancy 
_atom_site.B_iso_or_equiv 
_atom_site.pdbx_formal_charge 
_atom_site.auth_seq_id 
_atom_site.auth_comp_id 
_atom_site.auth_asym_id 
_atom_site.auth_atom_id 
_atom_site.pdbx_PDB_model_num 
ATOM 1   N N    . ILE A 1 1  ? 6.859   7.124   4.839   1.00 30.00 ? 1  ILE A N    1 
ATOM 2   C CA   . ILE A 1 1  ? 5.554   6.607   5.337   1.00 30.00 ? 1  ILE A CA   1 
ATOM 3   C C    . ILE A 1 1  ? 5.572   5.074   5.669   1.00 30.00 ? 1  ILE A C    1 
ATOM 4   O O    . ILE A 1 1  ? 5.350   4.693   6.821   1.00 30.00 ? 1  ILE A O    1 
ATOM 5   C CB   . ILE A 1 1  ? 4.390   7.122   4.449   1.00 30.00 ? 1  ILE A CB   1 
ATOM 6   C CG1  . ILE A 1 1  ? 4.181   8.660   4.442   1.00 30.00 ? 1  ILE A CG1  1 
ATOM 7   C CG2  . ILE A 1 1  ? 3.029   6.405   4.620   1.00 30.00 ? 1  ILE A CG2  1 
ATOM 8   C CD1  . ILE A 1 1  ? 3.831   9.141   3.026   1.00 30.00 ? 1  ILE A CD1  1 
ATOM 9   H H1   . ILE A 1 1  ? 7.067   6.737   3.912   1.00 30.00 ? 1  ILE A H1   1 
ATOM 10  H H2   . ILE A 1 1  ? 6.799   8.141   4.706   1.00 30.00 ? 1  ILE A H2   1 
ATOM 11  H HA   . ILE A 1 1  ? 5.365   7.113   6.257   1.00 30.00 ? 1  ILE A HA   1 
ATOM 12  H HB   . ILE A 1 1  ? 4.754   6.886   3.471   1.00 30.00 ? 1  ILE A HB   1 
ATOM 13  H HG12 . ILE A 1 1  ? 3.411   8.968   5.174   1.00 30.00 ? 1  ILE A HG12 1 
ATOM 14  H HG13 . ILE A 1 1  ? 5.102   9.188   4.762   1.00 30.00 ? 1  ILE A HG13 1 
ATOM 15  H HG21 . ILE A 1 1  ? 2.290   6.746   3.875   1.00 30.00 ? 1  ILE A HG21 1 
ATOM 16  H HG22 . ILE A 1 1  ? 3.114   5.313   4.469   1.00 30.00 ? 1  ILE A HG22 1 
ATOM 17  H HG23 . ILE A 1 1  ? 2.606   6.560   5.627   1.00 30.00 ? 1  ILE A HG23 1 
ATOM 18  H HD11 . ILE A 1 1  ? 3.670   10.229  2.995   1.00 30.00 ? 1  ILE A HD11 1 
ATOM 19  H HD12 . ILE A 1 1  ? 4.651   8.900   2.320   1.00 30.00 ? 1  ILE A HD12 1 
ATOM 20  H HD13 . ILE A 1 1  ? 2.925   8.638   2.641   1.00 30.00 ? 1  ILE A HD13 1 
ATOM 21  N N    . CYS A 1 2  ? 5.730   4.200   4.661   1.00 30.00 ? 2  CYS A N    1 
ATOM 22  C CA   . CYS A 1 2  ? 5.419   2.748   4.782   1.00 30.00 ? 2  CYS A CA   1 
ATOM 23  C C    . CYS A 1 2  ? 6.406   1.831   5.601   1.00 30.00 ? 2  CYS A C    1 
ATOM 24  O O    . CYS A 1 2  ? 7.113   0.970   5.066   1.00 30.00 ? 2  CYS A O    1 
ATOM 25  C CB   . CYS A 1 2  ? 5.191   2.264   3.332   1.00 30.00 ? 2  CYS A CB   1 
ATOM 26  S SG   . CYS A 1 2  ? 3.501   2.639   2.774   1.00 30.00 ? 2  CYS A SG   1 
ATOM 27  H H    . CYS A 1 2  ? 5.790   4.670   3.752   1.00 30.00 ? 2  CYS A H    1 
ATOM 28  H HA   . CYS A 1 2  ? 4.438   2.646   5.284   1.00 30.00 ? 2  CYS A HA   1 
ATOM 29  H HB2  . CYS A 1 2  ? 5.936   2.666   2.620   1.00 30.00 ? 2  CYS A HB2  1 
ATOM 30  H HB3  . CYS A 1 2  ? 5.310   1.169   3.265   1.00 30.00 ? 2  CYS A HB3  1 
ATOM 31  H HG   . CYS A 1 2  ? 3.632   3.959   2.677   1.00 30.00 ? 2  CYS A HG   1 
ATOM 32  N N    . GLU A 1 3  ? 6.310   1.904   6.937   1.00 30.00 ? 3  GLU A N    1 
ATOM 33  C CA   . GLU A 1 3  ? 6.753   0.812   7.857   1.00 30.00 ? 3  GLU A CA   1 
ATOM 34  C C    . GLU A 1 3  ? 5.553   -0.164  8.119   1.00 30.00 ? 3  GLU A C    1 
ATOM 35  O O    . GLU A 1 3  ? 4.485   0.272   8.547   1.00 30.00 ? 3  GLU A O    1 
ATOM 36  C CB   . GLU A 1 3  ? 7.284   1.441   9.174   1.00 30.00 ? 3  GLU A CB   1 
ATOM 37  C CG   . GLU A 1 3  ? 8.612   2.234   9.039   1.00 30.00 ? 3  GLU A CG   1 
ATOM 38  C CD   . GLU A 1 3  ? 9.131   2.801   10.356  1.00 30.00 ? 3  GLU A CD   1 
ATOM 39  O OE1  . GLU A 1 3  ? 8.889   3.931   10.760  1.00 30.00 ? 3  GLU A OE1  1 
ATOM 40  O OE2  . GLU A 1 3  ? 9.897   1.907   11.037  1.00 30.00 ? 3  GLU A OE2  1 
ATOM 41  H H    . GLU A 1 3  ? 5.838   2.760   7.263   1.00 30.00 ? 3  GLU A H    1 
ATOM 42  H HA   . GLU A 1 3  ? 7.587   0.241   7.400   1.00 30.00 ? 3  GLU A HA   1 
ATOM 43  H HB2  . GLU A 1 3  ? 6.504   2.090   9.621   1.00 30.00 ? 3  GLU A HB2  1 
ATOM 44  H HB3  . GLU A 1 3  ? 7.437   0.634   9.918   1.00 30.00 ? 3  GLU A HB3  1 
ATOM 45  H HG2  . GLU A 1 3  ? 9.401   1.604   8.589   1.00 30.00 ? 3  GLU A HG2  1 
ATOM 46  H HG3  . GLU A 1 3  ? 8.480   3.081   8.339   1.00 30.00 ? 3  GLU A HG3  1 
ATOM 47  H HE2  . GLU A 1 3  ? 10.195  2.333   11.842  1.00 30.00 ? 3  GLU A HE2  1 
ATOM 48  N N    . GLU A 1 4  ? 5.693   -1.474  7.854   1.00 30.00 ? 4  GLU A N    1 
ATOM 49  C CA   . GLU A 1 4  ? 4.538   -2.355  7.466   1.00 30.00 ? 4  GLU A CA   1 
ATOM 50  C C    . GLU A 1 4  ? 3.307   -2.772  8.346   1.00 30.00 ? 4  GLU A C    1 
ATOM 51  O O    . GLU A 1 4  ? 2.413   -3.374  7.739   1.00 30.00 ? 4  GLU A O    1 
ATOM 52  C CB   . GLU A 1 4  ? 5.155   -3.603  6.774   1.00 30.00 ? 4  GLU A CB   1 
ATOM 53  C CG   . GLU A 1 4  ? 5.937   -4.595  7.679   1.00 30.00 ? 4  GLU A CG   1 
ATOM 54  C CD   . GLU A 1 4  ? 6.528   -5.777  6.921   1.00 30.00 ? 4  GLU A CD   1 
ATOM 55  O OE1  . GLU A 1 4  ? 7.619   -5.752  6.362   1.00 30.00 ? 4  GLU A OE1  1 
ATOM 56  O OE2  . GLU A 1 4  ? 5.710   -6.863  6.928   1.00 30.00 ? 4  GLU A OE2  1 
ATOM 57  H H    . GLU A 1 4  ? 6.635   -1.711  7.532   1.00 30.00 ? 4  GLU A H    1 
ATOM 58  H HA   . GLU A 1 4  ? 3.967   -1.776  6.706   1.00 30.00 ? 4  GLU A HA   1 
ATOM 59  H HB2  . GLU A 1 4  ? 4.329   -4.161  6.284   1.00 30.00 ? 4  GLU A HB2  1 
ATOM 60  H HB3  . GLU A 1 4  ? 5.788   -3.272  5.932   1.00 30.00 ? 4  GLU A HB3  1 
ATOM 61  H HG2  . GLU A 1 4  ? 6.768   -4.082  8.195   1.00 30.00 ? 4  GLU A HG2  1 
ATOM 62  H HG3  . GLU A 1 4  ? 5.284   -4.980  8.485   1.00 30.00 ? 4  GLU A HG3  1 
ATOM 63  H HE2  . GLU A 1 4  ? 6.140   -7.565  6.437   1.00 30.00 ? 4  GLU A HE2  1 
ATOM 64  N N    . PRO A 1 5  ? 3.022   -2.360  9.606   1.00 30.00 ? 5  PRO A N    1 
ATOM 65  C CA   . PRO A 1 5  ? 1.614   -2.028  9.982   1.00 30.00 ? 5  PRO A CA   1 
ATOM 66  C C    . PRO A 1 5  ? 0.918   -0.846  9.202   1.00 30.00 ? 5  PRO A C    1 
ATOM 67  O O    . PRO A 1 5  ? -0.309  -0.817  9.084   1.00 30.00 ? 5  PRO A O    1 
ATOM 68  C CB   . PRO A 1 5  ? 1.752   -1.823  11.501  1.00 30.00 ? 5  PRO A CB   1 
ATOM 69  C CG   . PRO A 1 5  ? 3.204   -1.370  11.714  1.00 30.00 ? 5  PRO A CG   1 
ATOM 70  C CD   . PRO A 1 5  ? 4.017   -2.140  10.670  1.00 30.00 ? 5  PRO A CD   1 
ATOM 71  H HA   . PRO A 1 5  ? 1.001   -2.921  9.756   1.00 30.00 ? 5  PRO A HA   1 
ATOM 72  H HB2  . PRO A 1 5  ? 1.016   -1.106  11.914  1.00 30.00 ? 5  PRO A HB2  1 
ATOM 73  H HB3  . PRO A 1 5  ? 1.574   -2.783  12.024  1.00 30.00 ? 5  PRO A HB3  1 
ATOM 74  H HG2  . PRO A 1 5  ? 3.292   -0.281  11.529  1.00 30.00 ? 5  PRO A HG2  1 
ATOM 75  H HG3  . PRO A 1 5  ? 3.561   -1.549  12.746  1.00 30.00 ? 5  PRO A HG3  1 
ATOM 76  H HD2  . PRO A 1 5  ? 4.913   -1.575  10.368  1.00 30.00 ? 5  PRO A HD2  1 
ATOM 77  H HD3  . PRO A 1 5  ? 4.361   -3.115  11.073  1.00 30.00 ? 5  PRO A HD3  1 
ATOM 78  N N    . THR A 1 6  ? 1.695   0.069   8.592   1.00 30.00 ? 6  THR A N    1 
ATOM 79  C CA   . THR A 1 6  ? 1.201   1.033   7.565   1.00 30.00 ? 6  THR A CA   1 
ATOM 80  C C    . THR A 1 6  ? 0.832   0.317   6.224   1.00 30.00 ? 6  THR A C    1 
ATOM 81  O O    . THR A 1 6  ? -0.294  0.454   5.794   1.00 30.00 ? 6  THR A O    1 
ATOM 82  C CB   . THR A 1 6  ? 2.224   2.196   7.384   1.00 30.00 ? 6  THR A CB   1 
ATOM 83  O OG1  . THR A 1 6  ? 2.541   2.787   8.638   1.00 30.00 ? 6  THR A OG1  1 
ATOM 84  C CG2  . THR A 1 6  ? 1.733   3.355   6.505   1.00 30.00 ? 6  THR A CG2  1 
ATOM 85  H H    . THR A 1 6  ? 2.684   -0.239  8.574   1.00 30.00 ? 6  THR A H    1 
ATOM 86  H HA   . THR A 1 6  ? 0.271   1.495   7.950   1.00 30.00 ? 6  THR A HA   1 
ATOM 87  H HB   . THR A 1 6  ? 3.158   1.792   6.949   1.00 30.00 ? 6  THR A HB   1 
ATOM 88  H HG1  . THR A 1 6  ? 2.873   2.071   9.191   1.00 30.00 ? 6  THR A HG1  1 
ATOM 89  H HG21 . THR A 1 6  ? 1.530   3.050   5.461   1.00 30.00 ? 6  THR A HG21 1 
ATOM 90  H HG22 . THR A 1 6  ? 0.807   3.810   6.904   1.00 30.00 ? 6  THR A HG22 1 
ATOM 91  H HG23 . THR A 1 6  ? 2.489   4.160   6.468   1.00 30.00 ? 6  THR A HG23 1 
ATOM 92  N N    . CYS A 1 7  ? 1.707   -0.461  5.568   1.00 30.00 ? 7  CYS A N    1 
ATOM 93  C CA   . CYS A 1 7  ? 1.362   -1.461  4.525   1.00 30.00 ? 7  CYS A CA   1 
ATOM 94  C C    . CYS A 1 7  ? 0.274   -2.537  4.663   1.00 30.00 ? 7  CYS A C    1 
ATOM 95  O O    . CYS A 1 7  ? -0.259  -3.037  3.677   1.00 30.00 ? 7  CYS A O    1 
ATOM 96  C CB   . CYS A 1 7  ? 2.707   -2.032  3.997   1.00 30.00 ? 7  CYS A CB   1 
ATOM 97  S SG   . CYS A 1 7  ? 4.160   -0.914  4.162   1.00 30.00 ? 7  CYS A SG   1 
ATOM 98  H H    . CYS A 1 7  ? 2.433   0.136   5.191   1.00 30.00 ? 7  CYS A H    1 
ATOM 99  H HA   . CYS A 1 7  ? 0.743   -0.894  3.819   1.00 30.00 ? 7  CYS A HA   1 
ATOM 100 H HB2  . CYS A 1 7  ? 2.952   -2.961  4.547   1.00 30.00 ? 7  CYS A HB2  1 
ATOM 101 H HB3  . CYS A 1 7  ? 2.603   -2.347  2.943   1.00 30.00 ? 7  CYS A HB3  1 
ATOM 102 H HG   . CYS A 1 7  ? 5.054   -1.722  3.596   1.00 30.00 ? 7  CYS A HG   1 
ATOM 103 N N    . ARG A 1 8  ? 0.021   -2.947  5.875   1.00 30.00 ? 8  ARG A N    1 
ATOM 104 C CA   . ARG A 1 8  ? -1.319  -3.516  6.210   1.00 30.00 ? 8  ARG A CA   1 
ATOM 105 C C    . ARG A 1 8  ? -2.532  -2.540  6.006   1.00 30.00 ? 8  ARG A C    1 
ATOM 106 O O    . ARG A 1 8  ? -3.395  -2.840  5.178   1.00 30.00 ? 8  ARG A O    1 
ATOM 107 C CB   . ARG A 1 8  ? -1.206  -4.218  7.575   1.00 30.00 ? 8  ARG A CB   1 
ATOM 108 C CG   . ARG A 1 8  ? -2.475  -4.942  8.080   1.00 30.00 ? 8  ARG A CG   1 
ATOM 109 C CD   . ARG A 1 8  ? -2.222  -5.718  9.379   1.00 30.00 ? 8  ARG A CD   1 
ATOM 110 N NE   . ARG A 1 8  ? -3.464  -6.402  9.826   1.00 30.00 ? 8  ARG A NE   1 
ATOM 111 C CZ   . ARG A 1 8  ? -3.847  -7.630  9.494   1.00 30.00 ? 8  ARG A CZ   1 
ATOM 112 N NH1  . ARG A 1 8  ? -3.183  -8.419  8.702   1.00 30.00 ? 8  ARG A NH1  1 
ATOM 113 N NH2  . ARG A 1 8  ? -4.952  -8.058  9.992   1.00 30.00 ? 8  ARG A NH2  1 
ATOM 114 H H    . ARG A 1 8  ? 0.538   -2.220  6.378   1.00 30.00 ? 8  ARG A H    1 
ATOM 115 H HA   . ARG A 1 8  ? -1.491  -4.317  5.479   1.00 30.00 ? 8  ARG A HA   1 
ATOM 116 H HB2  . ARG A 1 8  ? -0.418  -4.975  7.426   1.00 30.00 ? 8  ARG A HB2  1 
ATOM 117 H HB3  . ARG A 1 8  ? -0.836  -3.515  8.346   1.00 30.00 ? 8  ARG A HB3  1 
ATOM 118 H HG2  . ARG A 1 8  ? -3.292  -4.216  8.261   1.00 30.00 ? 8  ARG A HG2  1 
ATOM 119 H HG3  . ARG A 1 8  ? -2.862  -5.634  7.308   1.00 30.00 ? 8  ARG A HG3  1 
ATOM 120 H HD2  . ARG A 1 8  ? -1.378  -6.426  9.267   1.00 30.00 ? 8  ARG A HD2  1 
ATOM 121 H HD3  . ARG A 1 8  ? -1.912  -5.011  10.172  1.00 30.00 ? 8  ARG A HD3  1 
ATOM 122 H HH11 . ARG A 1 8  ? -2.329  -7.996  8.340   1.00 30.00 ? 8  ARG A HH11 1 
ATOM 123 H HH12 . ARG A 1 8  ? -3.586  -9.337  8.517   1.00 30.00 ? 8  ARG A HH12 1 
ATOM 124 H HH21 . ARG A 1 8  ? -5.393  -7.360  10.592  1.00 30.00 ? 8  ARG A HH21 1 
ATOM 125 H HH22 . ARG A 1 8  ? -5.258  -8.996  9.739   1.00 30.00 ? 8  ARG A HH22 1 
ATOM 126 N N    . ASN A 1 9  ? -2.533  -1.344  6.621   1.00 30.00 ? 9  ASN A N    1 
ATOM 127 C CA   . ASN A 1 9  ? -3.384  -0.189  6.182   1.00 30.00 ? 9  ASN A CA   1 
ATOM 128 C C    . ASN A 1 9  ? -3.327  0.209   4.652   1.00 30.00 ? 9  ASN A C    1 
ATOM 129 O O    . ASN A 1 9  ? -4.346  0.612   4.107   1.00 30.00 ? 9  ASN A O    1 
ATOM 130 C CB   . ASN A 1 9  ? -3.162  1.025   7.122   1.00 30.00 ? 9  ASN A CB   1 
ATOM 131 C CG   . ASN A 1 9  ? -3.733  0.884   8.533   1.00 30.00 ? 9  ASN A CG   1 
ATOM 132 O OD1  . ASN A 1 9  ? -4.913  1.095   8.771   1.00 30.00 ? 9  ASN A OD1  1 
ATOM 133 N ND2  . ASN A 1 9  ? -2.945  0.537   9.517   1.00 30.00 ? 9  ASN A ND2  1 
ATOM 134 H H    . ASN A 1 9  ? -1.757  -1.224  7.283   1.00 30.00 ? 9  ASN A H    1 
ATOM 135 H HA   . ASN A 1 9  ? -4.437  -0.493  6.339   1.00 30.00 ? 9  ASN A HA   1 
ATOM 136 H HB2  . ASN A 1 9  ? -2.105  1.338   7.158   1.00 30.00 ? 9  ASN A HB2  1 
ATOM 137 H HB3  . ASN A 1 9  ? -3.692  1.892   6.688   1.00 30.00 ? 9  ASN A HB3  1 
ATOM 138 H HD21 . ASN A 1 9  ? -2.009  0.195   9.271   1.00 30.00 ? 9  ASN A HD21 1 
ATOM 139 H HD22 . ASN A 1 9  ? -3.453  0.394   10.393  1.00 30.00 ? 9  ASN A HD22 1 
ATOM 140 N N    . ARG A 1 10 ? -2.185  0.200   3.953   1.00 30.00 ? 10 ARG A N    1 
ATOM 141 C CA   . ARG A 1 10 ? -2.073  0.292   2.467   1.00 30.00 ? 10 ARG A CA   1 
ATOM 142 C C    . ARG A 1 10 ? -2.353  -0.860  1.523   1.00 30.00 ? 10 ARG A C    1 
ATOM 143 O O    . ARG A 1 10 ? -2.419  -0.662  0.316   1.00 30.00 ? 10 ARG A O    1 
ATOM 144 C CB   . ARG A 1 10 ? -1.006  1.309   1.996   1.00 30.00 ? 10 ARG A CB   1 
ATOM 145 C CG   . ARG A 1 10 ? -0.926  2.687   2.688   1.00 30.00 ? 10 ARG A CG   1 
ATOM 146 C CD   . ARG A 1 10 ? -0.028  3.663   1.904   1.00 30.00 ? 10 ARG A CD   1 
ATOM 147 N NE   . ARG A 1 10 ? 0.082   4.961   2.616   1.00 30.00 ? 10 ARG A NE   1 
ATOM 148 C CZ   . ARG A 1 10 ? -0.790  5.965   2.550   1.00 30.00 ? 10 ARG A CZ   1 
ATOM 149 N NH1  . ARG A 1 10 ? -1.878  5.948   1.837   1.00 30.00 ? 10 ARG A NH1  1 
ATOM 150 N NH2  . ARG A 1 10 ? -0.542  7.017   3.245   1.00 30.00 ? 10 ARG A NH2  1 
ATOM 151 H H    . ARG A 1 10 ? -1.337  -0.022  4.509   1.00 30.00 ? 10 ARG A H    1 
ATOM 152 H HA   . ARG A 1 10 ? -3.086  0.504   2.072   1.00 30.00 ? 10 ARG A HA   1 
ATOM 153 H HB2  . ARG A 1 10 ? 0.015   0.871   1.953   1.00 30.00 ? 10 ARG A HB2  1 
ATOM 154 H HB3  . ARG A 1 10 ? -1.315  1.485   0.957   1.00 30.00 ? 10 ARG A HB3  1 
ATOM 155 H HG2  . ARG A 1 10 ? -1.938  3.121   2.800   1.00 30.00 ? 10 ARG A HG2  1 
ATOM 156 H HG3  . ARG A 1 10 ? -0.549  2.574   3.725   1.00 30.00 ? 10 ARG A HG3  1 
ATOM 157 H HD2  . ARG A 1 10 ? 0.988   3.239   1.796   1.00 30.00 ? 10 ARG A HD2  1 
ATOM 158 H HD3  . ARG A 1 10 ? -0.389  3.802   0.865   1.00 30.00 ? 10 ARG A HD3  1 
ATOM 159 H HH11 . ARG A 1 10 ? -2.029  5.070   1.340   1.00 30.00 ? 10 ARG A HH11 1 
ATOM 160 H HH12 . ARG A 1 10 ? -2.481  6.769   1.894   1.00 30.00 ? 10 ARG A HH12 1 
ATOM 161 H HH21 . ARG A 1 10 ? 0.316   6.932   3.791   1.00 30.00 ? 10 ARG A HH21 1 
ATOM 162 H HH22 . ARG A 1 10 ? -1.217  7.779   3.206   1.00 30.00 ? 10 ARG A HH22 1 
ATOM 163 N N    . THR A 1 11 ? -2.272  -2.077  1.975   1.00 30.00 ? 11 THR A N    1 
ATOM 164 C CA   . THR A 1 11 ? -2.947  -3.189  1.290   1.00 30.00 ? 11 THR A CA   1 
ATOM 165 C C    . THR A 1 11 ? -4.511  -3.133  1.466   1.00 30.00 ? 11 THR A C    1 
ATOM 166 O O    . THR A 1 11 ? -5.330  -3.325  0.583   1.00 30.00 ? 11 THR A O    1 
ATOM 167 C CB   . THR A 1 11 ? -2.367  -4.475  1.902   1.00 30.00 ? 11 THR A CB   1 
ATOM 168 O OG1  . THR A 1 11 ? -0.998  -4.635  1.582   1.00 30.00 ? 11 THR A OG1  1 
ATOM 169 C CG2  . THR A 1 11 ? -3.003  -5.793  1.423   1.00 30.00 ? 11 THR A CG2  1 
ATOM 170 H H    . THR A 1 11 ? -2.618  -2.046  2.930   1.00 30.00 ? 11 THR A H    1 
ATOM 171 H HA   . THR A 1 11 ? -2.665  -2.989  0.251   1.00 30.00 ? 11 THR A HA   1 
ATOM 172 H HB   . THR A 1 11 ? -2.476  -4.261  2.996   1.00 30.00 ? 11 THR A HB   1 
ATOM 173 H HG1  . THR A 1 11 ? -0.494  -4.016  2.130   1.00 30.00 ? 11 THR A HG1  1 
ATOM 174 H HG21 . THR A 1 11 ? -2.508  -6.672  1.871   1.00 30.00 ? 11 THR A HG21 1 
ATOM 175 H HG22 . THR A 1 11 ? -4.082  -5.864  1.652   1.00 30.00 ? 11 THR A HG22 1 
ATOM 176 H HG23 . THR A 1 11 ? -2.900  -5.901  0.324   1.00 30.00 ? 11 THR A HG23 1 
ATOM 177 N N    . ARG A 1 12 ? -4.958  -2.793  2.649   1.00 30.00 ? 12 ARG A N    1 
ATOM 178 C CA   . ARG A 1 12 ? -6.239  -2.073  2.849   1.00 30.00 ? 12 ARG A CA   1 
ATOM 179 C C    . ARG A 1 12 ? -6.611  -0.850  1.946   1.00 30.00 ? 12 ARG A C    1 
ATOM 180 O O    . ARG A 1 12 ? -7.713  -0.807  1.401   1.00 30.00 ? 12 ARG A O    1 
ATOM 181 C CB   . ARG A 1 12 ? -6.294  -1.894  4.356   1.00 30.00 ? 12 ARG A CB   1 
ATOM 182 C CG   . ARG A 1 12 ? -7.443  -1.062  4.993   1.00 30.00 ? 12 ARG A CG   1 
ATOM 183 C CD   . ARG A 1 12 ? -7.282  0.464   5.007   1.00 30.00 ? 12 ARG A CD   1 
ATOM 184 N NE   . ARG A 1 12 ? -8.553  1.144   5.368   1.00 30.00 ? 12 ARG A NE   1 
ATOM 185 C CZ   . ARG A 1 12 ? -9.519  1.486   4.518   1.00 30.00 ? 12 ARG A CZ   1 
ATOM 186 N NH1  . ARG A 1 12 ? -9.497  1.254   3.238   1.00 30.00 ? 12 ARG A NH1  1 
ATOM 187 N NH2  . ARG A 1 12 ? -10.547 2.084   5.005   1.00 30.00 ? 12 ARG A NH2  1 
ATOM 188 H H    . ARG A 1 12 ? -4.281  -2.894  3.416   1.00 30.00 ? 12 ARG A H    1 
ATOM 189 H HA   . ARG A 1 12 ? -6.956  -2.772  2.615   1.00 30.00 ? 12 ARG A HA   1 
ATOM 190 H HB2  . ARG A 1 12 ? -6.292  -2.889  4.849   1.00 30.00 ? 12 ARG A HB2  1 
ATOM 191 H HB3  . ARG A 1 12 ? -5.279  -1.523  4.480   1.00 30.00 ? 12 ARG A HB3  1 
ATOM 192 H HG2  . ARG A 1 12 ? -8.384  -1.294  4.469   1.00 30.00 ? 12 ARG A HG2  1 
ATOM 193 H HG3  . ARG A 1 12 ? -7.613  -1.389  6.036   1.00 30.00 ? 12 ARG A HG3  1 
ATOM 194 H HD2  . ARG A 1 12 ? -6.511  0.732   5.748   1.00 30.00 ? 12 ARG A HD2  1 
ATOM 195 H HD3  . ARG A 1 12 ? -6.911  0.843   4.040   1.00 30.00 ? 12 ARG A HD3  1 
ATOM 196 H HH11 . ARG A 1 12 ? -8.665  0.753   2.915   1.00 30.00 ? 12 ARG A HH11 1 
ATOM 197 H HH12 . ARG A 1 12 ? -10.306 1.547   2.692   1.00 30.00 ? 12 ARG A HH12 1 
ATOM 198 H HH21 . ARG A 1 12 ? -10.479 2.189   6.019   1.00 30.00 ? 12 ARG A HH21 1 
ATOM 199 H HH22 . ARG A 1 12 ? -11.304 2.315   4.365   1.00 30.00 ? 12 ARG A HH22 1 
ATOM 200 N N    . HIS A 1 13 ? -5.679  0.074   1.711   1.00 30.00 ? 13 HIS A N    1 
ATOM 201 C CA   . HIS A 1 13 ? -5.648  0.927   0.485   1.00 30.00 ? 13 HIS A CA   1 
ATOM 202 C C    . HIS A 1 13 ? -5.449  0.303   -0.901  1.00 30.00 ? 13 HIS A C    1 
ATOM 203 O O    . HIS A 1 13 ? -5.755  0.880   -1.941  1.00 30.00 ? 13 HIS A O    1 
ATOM 204 C CB   . HIS A 1 13 ? -5.000  2.323   0.713   1.00 30.00 ? 13 HIS A CB   1 
ATOM 205 C CG   . HIS A 1 13 ? -5.646  3.164   1.818   1.00 30.00 ? 13 HIS A CG   1 
ATOM 206 N ND1  . HIS A 1 13 ? -6.956  3.605   1.758   1.00 30.00 ? 13 HIS A ND1  1 
ATOM 207 C CD2  . HIS A 1 13 ? -5.098  3.427   3.085   1.00 30.00 ? 13 HIS A CD2  1 
ATOM 208 C CE1  . HIS A 1 13 ? -7.098  4.073   3.038   1.00 30.00 ? 13 HIS A CE1  1 
ATOM 209 N NE2  . HIS A 1 13 ? -6.035  4.041   3.898   1.00 30.00 ? 13 HIS A NE2  1 
ATOM 210 H H    . HIS A 1 13 ? -5.080  0.247   2.529   1.00 30.00 ? 13 HIS A H    1 
ATOM 211 H HA   . HIS A 1 13 ? -6.687  0.974   0.188   1.00 30.00 ? 13 HIS A HA   1 
ATOM 212 H HB2  . HIS A 1 13 ? -3.916  2.218   0.884   1.00 30.00 ? 13 HIS A HB2  1 
ATOM 213 H HB3  . HIS A 1 13 ? -5.077  2.911   -0.221  1.00 30.00 ? 13 HIS A HB3  1 
ATOM 214 H HD2  . HIS A 1 13 ? -4.134  3.075   3.421   1.00 30.00 ? 13 HIS A HD2  1 
ATOM 215 H HE1  . HIS A 1 13 ? -8.076  4.378   3.387   1.00 30.00 ? 13 HIS A HE1  1 
ATOM 216 H HE2  . HIS A 1 13 ? -6.070  4.093   4.922   1.00 30.00 ? 13 HIS A HE2  1 
ATOM 217 N N    . LEU A 1 14 ? -4.858  -0.857  -0.932  1.00 30.00 ? 14 LEU A N    1 
ATOM 218 C CA   . LEU A 1 14 ? -5.109  -1.823  -2.012  1.00 30.00 ? 14 LEU A CA   1 
ATOM 219 C C    . LEU A 1 14 ? -6.561  -2.199  -2.438  1.00 30.00 ? 14 LEU A C    1 
ATOM 220 O O    . LEU A 1 14 ? -6.880  -1.972  -3.608  1.00 30.00 ? 14 LEU A O    1 
ATOM 221 C CB   . LEU A 1 14 ? -4.047  -2.934  -2.069  1.00 30.00 ? 14 LEU A CB   1 
ATOM 222 C CG   . LEU A 1 14 ? -4.126  -3.883  -3.274  1.00 30.00 ? 14 LEU A CG   1 
ATOM 223 C CD1  . LEU A 1 14 ? -3.742  -3.218  -4.596  1.00 30.00 ? 14 LEU A CD1  1 
ATOM 224 C CD2  . LEU A 1 14 ? -3.322  -5.166  -3.008  1.00 30.00 ? 14 LEU A CD2  1 
ATOM 225 H H    . LEU A 1 14 ? -4.666  -1.028  0.041   1.00 30.00 ? 14 LEU A H    1 
ATOM 226 H HA   . LEU A 1 14 ? -4.858  -1.188  -2.771  1.00 30.00 ? 14 LEU A HA   1 
ATOM 227 H HB2  . LEU A 1 14 ? -3.059  -2.462  -1.962  1.00 30.00 ? 14 LEU A HB2  1 
ATOM 228 H HB3  . LEU A 1 14 ? -4.137  -3.561  -1.191  1.00 30.00 ? 14 LEU A HB3  1 
ATOM 229 H HG   . LEU A 1 14 ? -5.198  -4.130  -3.352  1.00 30.00 ? 14 LEU A HG   1 
ATOM 230 H HD11 . LEU A 1 14 ? -2.730  -2.786  -4.579  1.00 30.00 ? 14 LEU A HD11 1 
ATOM 231 H HD12 . LEU A 1 14 ? -3.797  -3.943  -5.423  1.00 30.00 ? 14 LEU A HD12 1 
ATOM 232 H HD13 . LEU A 1 14 ? -4.439  -2.397  -4.849  1.00 30.00 ? 14 LEU A HD13 1 
ATOM 233 H HD21 . LEU A 1 14 ? -2.246  -4.963  -2.843  1.00 30.00 ? 14 LEU A HD21 1 
ATOM 234 H HD22 . LEU A 1 14 ? -3.680  -5.688  -2.099  1.00 30.00 ? 14 LEU A HD22 1 
ATOM 235 H HD23 . LEU A 1 14 ? -3.401  -5.893  -3.836  1.00 30.00 ? 14 LEU A HD23 1 
ATOM 236 N N    . PRO A 1 15 ? -7.475  -2.647  -1.570  1.00 30.00 ? 15 PRO A N    1 
ATOM 237 C CA   . PRO A 1 15 ? -8.897  -2.197  -1.744  1.00 30.00 ? 15 PRO A CA   1 
ATOM 238 C C    . PRO A 1 15 ? -9.450  -0.766  -1.579  1.00 30.00 ? 15 PRO A C    1 
ATOM 239 O O    . PRO A 1 15 ? -10.661 -0.521  -1.593  1.00 30.00 ? 15 PRO A O    1 
ATOM 240 C CB   . PRO A 1 15 ? -9.522  -3.079  -0.707  1.00 30.00 ? 15 PRO A CB   1 
ATOM 241 C CG   . PRO A 1 15 ? -8.992  -4.452  -1.095  1.00 30.00 ? 15 PRO A CG   1 
ATOM 242 C CD   . PRO A 1 15 ? -7.519  -4.106  -1.283  1.00 30.00 ? 15 PRO A CD   1 
ATOM 243 H HA   . PRO A 1 15 ? -9.214  -2.406  -2.781  1.00 30.00 ? 15 PRO A HA   1 
ATOM 244 H HB2  . PRO A 1 15 ? -9.135  -2.685  0.267   1.00 30.00 ? 15 PRO A HB2  1 
ATOM 245 H HB3  . PRO A 1 15 ? -10.600 -2.943  -0.774  1.00 30.00 ? 15 PRO A HB3  1 
ATOM 246 H HG2  . PRO A 1 15 ? -9.165  -5.218  -0.316  1.00 30.00 ? 15 PRO A HG2  1 
ATOM 247 H HG3  . PRO A 1 15 ? -9.445  -4.819  -2.038  1.00 30.00 ? 15 PRO A HG3  1 
ATOM 248 H HD2  . PRO A 1 15 ? -7.084  -4.326  -0.304  1.00 30.00 ? 15 PRO A HD2  1 
ATOM 249 H HD3  . PRO A 1 15 ? -6.996  -4.730  -2.043  1.00 30.00 ? 15 PRO A HD3  1 
ATOM 250 N N    . LEU A 1 16 ? -8.551  0.175   -1.679  1.00 30.00 ? 16 LEU A N    1 
ATOM 251 C CA   . LEU A 1 16 ? -8.728  1.328   -2.567  1.00 30.00 ? 16 LEU A CA   1 
ATOM 252 C C    . LEU A 1 16 ? -8.144  1.108   -4.013  1.00 30.00 ? 16 LEU A C    1 
ATOM 253 O O    . LEU A 1 16 ? -7.162  1.731   -4.434  1.00 30.00 ? 16 LEU A O    1 
ATOM 254 C CB   . LEU A 1 16 ? -8.251  2.588   -1.797  1.00 30.00 ? 16 LEU A CB   1 
ATOM 255 C CG   . LEU A 1 16 ? -9.142  3.831   -2.000  1.00 30.00 ? 16 LEU A CG   1 
ATOM 256 C CD1  . LEU A 1 16 ? -8.812  4.923   -0.971  1.00 30.00 ? 16 LEU A CD1  1 
ATOM 257 C CD2  . LEU A 1 16 ? -9.038  4.430   -3.411  1.00 30.00 ? 16 LEU A CD2  1 
ATOM 258 H H    . LEU A 1 16 ? -7.667  -0.314  -1.670  1.00 30.00 ? 16 LEU A H    1 
ATOM 259 H HA   . LEU A 1 16 ? -9.790  1.395   -2.687  1.00 30.00 ? 16 LEU A HA   1 
ATOM 260 H HB2  . LEU A 1 16 ? -8.237  2.366   -0.709  1.00 30.00 ? 16 LEU A HB2  1 
ATOM 261 H HB3  . LEU A 1 16 ? -7.195  2.790   -2.043  1.00 30.00 ? 16 LEU A HB3  1 
ATOM 262 H HG   . LEU A 1 16 ? -10.175 3.477   -1.818  1.00 30.00 ? 16 LEU A HG   1 
ATOM 263 H HD11 . LEU A 1 16 ? -7.760  5.258   -1.043  1.00 30.00 ? 16 LEU A HD11 1 
ATOM 264 H HD12 . LEU A 1 16 ? -9.453  5.816   -1.093  1.00 30.00 ? 16 LEU A HD12 1 
ATOM 265 H HD13 . LEU A 1 16 ? -8.966  4.564   0.062   1.00 30.00 ? 16 LEU A HD13 1 
ATOM 266 H HD21 . LEU A 1 16 ? -9.678  5.324   -3.530  1.00 30.00 ? 16 LEU A HD21 1 
ATOM 267 H HD22 . LEU A 1 16 ? -8.001  4.731   -3.649  1.00 30.00 ? 16 LEU A HD22 1 
ATOM 268 H HD23 . LEU A 1 16 ? -9.356  3.713   -4.189  1.00 30.00 ? 16 LEU A HD23 1 
ATOM 269 N N    . GLN A 1 17 ? -8.792  0.228   -4.807  1.00 30.00 ? 17 GLN A N    1 
ATOM 270 C CA   . GLN A 1 17 ? -8.298  -0.162  -6.164  1.00 30.00 ? 17 GLN A CA   1 
ATOM 271 C C    . GLN A 1 17 ? -8.656  0.796   -7.359  1.00 30.00 ? 17 GLN A C    1 
ATOM 272 O O    . GLN A 1 17 ? -9.206  0.417   -8.396  1.00 30.00 ? 17 GLN A O    1 
ATOM 273 C CB   . GLN A 1 17 ? -8.627  -1.655  -6.421  1.00 30.00 ? 17 GLN A CB   1 
ATOM 274 C CG   . GLN A 1 17 ? -10.123 -2.078  -6.466  1.00 30.00 ? 17 GLN A CG   1 
ATOM 275 C CD   . GLN A 1 17 ? -10.345 -3.574  -6.681  1.00 30.00 ? 17 GLN A CD   1 
ATOM 276 O OE1  . GLN A 1 17 ? -10.555 -4.346  -5.753  1.00 30.00 ? 17 GLN A OE1  1 
ATOM 277 N NE2  . GLN A 1 17 ? -10.313 -4.038  -7.903  1.00 30.00 ? 17 GLN A NE2  1 
ATOM 278 H H    . GLN A 1 17 ? -9.659  -0.145  -4.405  1.00 30.00 ? 17 GLN A H    1 
ATOM 279 H HA   . GLN A 1 17 ? -7.188  -0.104  -6.140  1.00 30.00 ? 17 GLN A HA   1 
ATOM 280 H HB2  . GLN A 1 17 ? -8.138  -1.933  -7.376  1.00 30.00 ? 17 GLN A HB2  1 
ATOM 281 H HB3  . GLN A 1 17 ? -8.088  -2.262  -5.671  1.00 30.00 ? 17 GLN A HB3  1 
ATOM 282 H HG2  . GLN A 1 17 ? -10.616 -1.812  -5.514  1.00 30.00 ? 17 GLN A HG2  1 
ATOM 283 H HG3  . GLN A 1 17 ? -10.667 -1.504  -7.239  1.00 30.00 ? 17 GLN A HG3  1 
ATOM 284 H HE21 . GLN A 1 17 ? -10.011 -3.377  -8.622  1.00 30.00 ? 17 GLN A HE21 1 
ATOM 285 H HE22 . GLN A 1 17 ? -10.374 -5.058  -7.952  1.00 30.00 ? 17 GLN A HE22 1 
ATOM 286 N N    . PHE A 1 18 ? -8.096  2.008   -7.298  1.00 30.00 ? 18 PHE A N    1 
ATOM 287 C CA   . PHE A 1 18 ? -7.155  2.487   -8.348  1.00 30.00 ? 18 PHE A CA   1 
ATOM 288 C C    . PHE A 1 18 ? -5.924  1.554   -8.668  1.00 30.00 ? 18 PHE A C    1 
ATOM 289 O O    . PHE A 1 18 ? -5.598  1.295   -9.826  1.00 30.00 ? 18 PHE A O    1 
ATOM 290 C CB   . PHE A 1 18 ? -6.614  3.858   -7.860  1.00 30.00 ? 18 PHE A CB   1 
ATOM 291 C CG   . PHE A 1 18 ? -7.489  5.068   -8.050  1.00 30.00 ? 18 PHE A CG   1 
ATOM 292 C CD1  . PHE A 1 18 ? -7.384  5.796   -9.231  1.00 30.00 ? 18 PHE A CD1  1 
ATOM 293 C CD2  . PHE A 1 18 ? -8.124  5.616   -6.942  1.00 30.00 ? 18 PHE A CD2  1 
ATOM 294 C CE1  . PHE A 1 18 ? -7.865  7.092   -9.286  1.00 30.00 ? 18 PHE A CE1  1 
ATOM 295 C CE2  . PHE A 1 18 ? -8.606  6.910   -6.992  1.00 30.00 ? 18 PHE A CE2  1 
ATOM 296 C CZ   . PHE A 1 18 ? -8.483  7.661   -8.166  1.00 30.00 ? 18 PHE A CZ   1 
ATOM 297 H H    . PHE A 1 18 ? -7.855  2.231   -6.331  1.00 30.00 ? 18 PHE A H    1 
ATOM 298 H HA   . PHE A 1 18 ? -7.727  2.607   -9.279  1.00 30.00 ? 18 PHE A HA   1 
ATOM 299 H HB2  . PHE A 1 18 ? -6.325  3.814   -6.792  1.00 30.00 ? 18 PHE A HB2  1 
ATOM 300 H HB3  . PHE A 1 18 ? -5.673  4.113   -8.373  1.00 30.00 ? 18 PHE A HB3  1 
ATOM 301 H HD1  . PHE A 1 18 ? -6.842  5.397   -10.079 1.00 30.00 ? 18 PHE A HD1  1 
ATOM 302 H HD2  . PHE A 1 18 ? -8.161  5.072   -6.010  1.00 30.00 ? 18 PHE A HD2  1 
ATOM 303 H HE1  . PHE A 1 18 ? -7.648  7.621   -10.194 1.00 30.00 ? 18 PHE A HE1  1 
ATOM 304 H HE2  . PHE A 1 18 ? -8.985  7.290   -6.061  1.00 30.00 ? 18 PHE A HE2  1 
ATOM 305 H HZ   . PHE A 1 18 ? -8.822  8.686   -8.194  1.00 30.00 ? 18 PHE A HZ   1 
ATOM 306 N N    . SER A 1 19 ? -5.241  1.086   -7.612  1.00 30.00 ? 19 SER A N    1 
ATOM 307 C CA   . SER A 1 19 ? -4.177  0.066   -7.709  1.00 30.00 ? 19 SER A CA   1 
ATOM 308 C C    . SER A 1 19 ? -4.665  -1.389  -7.975  1.00 30.00 ? 19 SER A C    1 
ATOM 309 O O    . SER A 1 19 ? -5.536  -1.932  -7.293  1.00 30.00 ? 19 SER A O    1 
ATOM 310 C CB   . SER A 1 19 ? -3.397  0.054   -6.387  1.00 30.00 ? 19 SER A CB   1 
ATOM 311 O OG   . SER A 1 19 ? -2.663  1.257   -6.197  1.00 30.00 ? 19 SER A OG   1 
ATOM 312 H H    . SER A 1 19 ? -5.778  1.233   -6.758  1.00 30.00 ? 19 SER A H    1 
ATOM 313 H HA   . SER A 1 19 ? -3.452  0.380   -8.477  1.00 30.00 ? 19 SER A HA   1 
ATOM 314 H HB2  . SER A 1 19 ? -4.084  -0.136  -5.542  1.00 30.00 ? 19 SER A HB2  1 
ATOM 315 H HB3  . SER A 1 19 ? -2.687  -0.795  -6.384  1.00 30.00 ? 19 SER A HB3  1 
ATOM 316 H HG   . SER A 1 19 ? -3.251  1.992   -6.408  1.00 30.00 ? 19 SER A HG   1 
ATOM 317 N N    . ARG A 1 20 ? -3.919  -2.074  -8.839  1.00 30.00 ? 20 ARG A N    1 
ATOM 318 C CA   . ARG A 1 20 ? -3.504  -3.474  -8.567  1.00 30.00 ? 20 ARG A CA   1 
ATOM 319 C C    . ARG A 1 20 ? -1.955  -3.472  -8.391  1.00 30.00 ? 20 ARG A C    1 
ATOM 320 O O    . ARG A 1 20 ? -1.178  -3.553  -9.345  1.00 30.00 ? 20 ARG A O    1 
ATOM 321 C CB   . ARG A 1 20 ? -4.064  -4.431  -9.648  1.00 30.00 ? 20 ARG A CB   1 
ATOM 322 C CG   . ARG A 1 20 ? -3.839  -5.943  -9.394  1.00 30.00 ? 20 ARG A CG   1 
ATOM 323 C CD   . ARG A 1 20 ? -4.391  -6.446  -8.053  1.00 30.00 ? 20 ARG A CD   1 
ATOM 324 N NE   . ARG A 1 20 ? -4.393  -7.930  -7.991  1.00 30.00 ? 20 ARG A NE   1 
ATOM 325 C CZ   . ARG A 1 20 ? -3.400  -8.701  -7.561  1.00 30.00 ? 20 ARG A CZ   1 
ATOM 326 N NH1  . ARG A 1 20 ? -2.249  -8.258  -7.151  1.00 30.00 ? 20 ARG A NH1  1 
ATOM 327 N NH2  . ARG A 1 20 ? -3.599  -9.970  -7.558  1.00 30.00 ? 20 ARG A NH2  1 
ATOM 328 H H    . ARG A 1 20 ? -3.318  -1.443  -9.370  1.00 30.00 ? 20 ARG A H    1 
ATOM 329 H HA   . ARG A 1 20 ? -3.962  -3.820  -7.620  1.00 30.00 ? 20 ARG A HA   1 
ATOM 330 H HB2  . ARG A 1 20 ? -5.156  -4.260  -9.739  1.00 30.00 ? 20 ARG A HB2  1 
ATOM 331 H HB3  . ARG A 1 20 ? -3.650  -4.164  -10.636 1.00 30.00 ? 20 ARG A HB3  1 
ATOM 332 H HG2  . ARG A 1 20 ? -4.307  -6.520  -10.214 1.00 30.00 ? 20 ARG A HG2  1 
ATOM 333 H HG3  . ARG A 1 20 ? -2.765  -6.190  -9.440  1.00 30.00 ? 20 ARG A HG3  1 
ATOM 334 H HD2  . ARG A 1 20 ? -3.824  -6.003  -7.211  1.00 30.00 ? 20 ARG A HD2  1 
ATOM 335 H HD3  . ARG A 1 20 ? -5.427  -6.078  -7.935  1.00 30.00 ? 20 ARG A HD3  1 
ATOM 336 H HH11 . ARG A 1 20 ? -2.163  -7.244  -7.216  1.00 30.00 ? 20 ARG A HH11 1 
ATOM 337 H HH12 . ARG A 1 20 ? -1.562  -8.950  -6.858  1.00 30.00 ? 20 ARG A HH12 1 
ATOM 338 H HH21 . ARG A 1 20 ? -4.533  -10.208 -7.896  1.00 30.00 ? 20 ARG A HH21 1 
ATOM 339 H HH22 . ARG A 1 20 ? -2.845  -10.570 -7.226  1.00 30.00 ? 20 ARG A HH22 1 
ATOM 340 N N    . THR A 1 21 ? -1.521  -3.269  -7.140  1.00 30.00 ? 21 THR A N    1 
ATOM 341 C CA   . THR A 1 21 ? -0.101  -2.961  -6.772  1.00 30.00 ? 21 THR A CA   1 
ATOM 342 C C    . THR A 1 21 ? 0.559   -1.703  -7.453  1.00 30.00 ? 21 THR A C    1 
ATOM 343 O O    . THR A 1 21 ? 1.710   -1.744  -7.893  1.00 30.00 ? 21 THR A O    1 
ATOM 344 C CB   . THR A 1 21 ? 0.767   -4.262  -6.788  1.00 30.00 ? 21 THR A CB   1 
ATOM 345 O OG1  . THR A 1 21 ? 0.942   -4.752  -8.115  1.00 30.00 ? 21 THR A OG1  1 
ATOM 346 C CG2  . THR A 1 21 ? 0.197   -5.416  -5.946  1.00 30.00 ? 21 THR A CG2  1 
ATOM 347 H H    . THR A 1 21 ? -2.138  -3.694  -6.440  1.00 30.00 ? 21 THR A H    1 
ATOM 348 H HA   . THR A 1 21 ? -0.141  -2.647  -5.716  1.00 30.00 ? 21 THR A HA   1 
ATOM 349 H HB   . THR A 1 21 ? 1.765   -4.016  -6.376  1.00 30.00 ? 21 THR A HB   1 
ATOM 350 H HG1  . THR A 1 21 ? 0.236   -4.356  -8.647  1.00 30.00 ? 21 THR A HG1  1 
ATOM 351 H HG21 . THR A 1 21 ? -0.761  -5.786  -6.353  1.00 30.00 ? 21 THR A HG21 1 
ATOM 352 H HG22 . THR A 1 21 ? 0.892   -6.271  -5.910  1.00 30.00 ? 21 THR A HG22 1 
ATOM 353 H HG23 . THR A 1 21 ? 0.000   -5.097  -4.904  1.00 30.00 ? 21 THR A HG23 1 
ATOM 354 N N    . GLY A 1 22 ? -0.141  -0.548  -7.454  1.00 30.00 ? 22 GLY A N    1 
ATOM 355 C CA   . GLY A 1 22 ? 0.411   0.729   -7.994  1.00 30.00 ? 22 GLY A CA   1 
ATOM 356 C C    . GLY A 1 22 ? 0.173   2.002   -7.133  1.00 30.00 ? 22 GLY A C    1 
ATOM 357 O O    . GLY A 1 22 ? -0.596  2.847   -7.599  1.00 30.00 ? 22 GLY A O    1 
ATOM 358 H H    . GLY A 1 22 ? -1.144  -0.665  -7.249  1.00 30.00 ? 22 GLY A H    1 
ATOM 359 H HA2  . GLY A 1 22 ? 1.496   0.669   -8.207  1.00 30.00 ? 22 GLY A HA2  1 
ATOM 360 H HA3  . GLY A 1 22 ? -0.038  0.908   -8.989  1.00 30.00 ? 22 GLY A HA3  1 
ATOM 361 N N    . PRO A 1 23 ? 0.809   2.237   -5.943  1.00 30.00 ? 23 PRO A N    1 
ATOM 362 C CA   . PRO A 1 23 ? 1.811   1.323   -5.322  1.00 30.00 ? 23 PRO A CA   1 
ATOM 363 C C    . PRO A 1 23 ? 1.342   0.653   -3.974  1.00 30.00 ? 23 PRO A C    1 
ATOM 364 O O    . PRO A 1 23 ? 1.852   0.982   -2.898  1.00 30.00 ? 23 PRO A O    1 
ATOM 365 C CB   . PRO A 1 23 ? 2.984   2.330   -5.201  1.00 30.00 ? 23 PRO A CB   1 
ATOM 366 C CG   . PRO A 1 23 ? 2.407   3.754   -5.183  1.00 30.00 ? 23 PRO A CG   1 
ATOM 367 C CD   . PRO A 1 23 ? 0.900   3.593   -5.359  1.00 30.00 ? 23 PRO A CD   1 
ATOM 368 H HA   . PRO A 1 23 ? 2.131   0.508   -5.994  1.00 30.00 ? 23 PRO A HA   1 
ATOM 369 H HB2  . PRO A 1 23 ? 3.609   2.146   -4.312  1.00 30.00 ? 23 PRO A HB2  1 
ATOM 370 H HB3  . PRO A 1 23 ? 3.667   2.211   -6.065  1.00 30.00 ? 23 PRO A HB3  1 
ATOM 371 H HG2  . PRO A 1 23 ? 2.648   4.292   -4.247  1.00 30.00 ? 23 PRO A HG2  1 
ATOM 372 H HG3  . PRO A 1 23 ? 2.831   4.352   -6.013  1.00 30.00 ? 23 PRO A HG3  1 
ATOM 373 H HD2  . PRO A 1 23 ? 0.395   3.633   -4.371  1.00 30.00 ? 23 PRO A HD2  1 
ATOM 374 H HD3  . PRO A 1 23 ? 0.463   4.397   -5.986  1.00 30.00 ? 23 PRO A HD3  1 
ATOM 375 N N    . LEU A 1 24 ? 0.368   -0.286  -4.006  1.00 30.00 ? 24 LEU A N    1 
ATOM 376 C CA   . LEU A 1 24 ? -0.401  -0.681  -2.771  1.00 30.00 ? 24 LEU A CA   1 
ATOM 377 C C    . LEU A 1 24 ? -0.427  -2.230  -2.472  1.00 30.00 ? 24 LEU A C    1 
ATOM 378 O O    . LEU A 1 24 ? -0.717  -3.022  -3.359  1.00 30.00 ? 24 LEU A O    1 
ATOM 379 C CB   . LEU A 1 24 ? -1.824  0.001   -2.795  1.00 30.00 ? 24 LEU A CB   1 
ATOM 380 C CG   . LEU A 1 24 ? -1.862  1.549   -3.032  1.00 30.00 ? 24 LEU A CG   1 
ATOM 381 C CD1  . LEU A 1 24 ? -3.278  2.112   -3.194  1.00 30.00 ? 24 LEU A CD1  1 
ATOM 382 C CD2  . LEU A 1 24 ? -1.178  2.367   -1.921  1.00 30.00 ? 24 LEU A CD2  1 
ATOM 383 H H    . LEU A 1 24 ? -0.070  -0.338  -4.931  1.00 30.00 ? 24 LEU A H    1 
ATOM 384 H HA   . LEU A 1 24 ? 0.132   -0.284  -1.902  1.00 30.00 ? 24 LEU A HA   1 
ATOM 385 H HB2  . LEU A 1 24 ? -2.489  -0.521  -3.513  1.00 30.00 ? 24 LEU A HB2  1 
ATOM 386 H HB3  . LEU A 1 24 ? -2.377  -0.215  -1.865  1.00 30.00 ? 24 LEU A HB3  1 
ATOM 387 H HG   . LEU A 1 24 ? -1.341  1.757   -3.987  1.00 30.00 ? 24 LEU A HG   1 
ATOM 388 H HD11 . LEU A 1 24 ? -3.271  3.111   -3.665  1.00 30.00 ? 24 LEU A HD11 1 
ATOM 389 H HD12 . LEU A 1 24 ? -3.923  1.470   -3.822  1.00 30.00 ? 24 LEU A HD12 1 
ATOM 390 H HD13 . LEU A 1 24 ? -3.793  2.229   -2.226  1.00 30.00 ? 24 LEU A HD13 1 
ATOM 391 H HD21 . LEU A 1 24 ? -1.740  2.305   -0.974  1.00 30.00 ? 24 LEU A HD21 1 
ATOM 392 H HD22 . LEU A 1 24 ? -0.145  2.033   -1.721  1.00 30.00 ? 24 LEU A HD22 1 
ATOM 393 H HD23 . LEU A 1 24 ? -1.115  3.438   -2.189  1.00 30.00 ? 24 LEU A HD23 1 
ATOM 394 N N    . CYS A 1 25 ? -0.211  -2.736  -1.232  1.00 30.00 ? 25 CYS A N    1 
ATOM 395 C CA   . CYS A 1 25 ? 1.016   -2.458  -0.468  1.00 30.00 ? 25 CYS A CA   1 
ATOM 396 C C    . CYS A 1 25 ? 1.828   -3.676  0.163   1.00 30.00 ? 25 CYS A C    1 
ATOM 397 O O    . CYS A 1 25 ? 1.539   -4.014  1.317   1.00 30.00 ? 25 CYS A O    1 
ATOM 398 C CB   . CYS A 1 25 ? 0.680   -1.380  0.519   1.00 30.00 ? 25 CYS A CB   1 
ATOM 399 S SG   . CYS A 1 25 ? 2.090   -0.465  1.108   1.00 30.00 ? 25 CYS A SG   1 
ATOM 400 H H    . CYS A 1 25 ? -0.837  -2.207  -0.638  1.00 30.00 ? 25 CYS A H    1 
ATOM 401 H HA   . CYS A 1 25 ? 1.574   -1.782  -1.007  1.00 30.00 ? 25 CYS A HA   1 
ATOM 402 H HB2  . CYS A 1 25 ? -0.042  -0.649  0.143   1.00 30.00 ? 25 CYS A HB2  1 
ATOM 403 H HB3  . CYS A 1 25 ? 0.293   -1.898  1.345   1.00 30.00 ? 25 CYS A HB3  1 
ATOM 404 H HG   . CYS A 1 25 ? 1.676   0.721   0.662   1.00 30.00 ? 25 CYS A HG   1 
ATOM 405 N N    . PRO A 1 26 ? 2.844   -4.366  -0.446  1.00 30.00 ? 26 PRO A N    1 
ATOM 406 C CA   . PRO A 1 26 ? 3.614   -3.910  -1.629  1.00 30.00 ? 26 PRO A CA   1 
ATOM 407 C C    . PRO A 1 26 ? 2.804   -3.533  -2.901  1.00 30.00 ? 26 PRO A C    1 
ATOM 408 O O    . PRO A 1 26 ? 1.909   -4.242  -3.345  1.00 30.00 ? 26 PRO A O    1 
ATOM 409 C CB   . PRO A 1 26 ? 4.672   -4.997  -1.868  1.00 30.00 ? 26 PRO A CB   1 
ATOM 410 C CG   . PRO A 1 26 ? 4.225   -6.157  -0.999  1.00 30.00 ? 26 PRO A CG   1 
ATOM 411 C CD   . PRO A 1 26 ? 3.452   -5.559  0.168   1.00 30.00 ? 26 PRO A CD   1 
ATOM 412 H HA   . PRO A 1 26 ? 4.205   -3.056  -1.294  1.00 30.00 ? 26 PRO A HA   1 
ATOM 413 H HB2  . PRO A 1 26 ? 4.771   -5.299  -2.929  1.00 30.00 ? 26 PRO A HB2  1 
ATOM 414 H HB3  . PRO A 1 26 ? 5.673   -4.646  -1.550  1.00 30.00 ? 26 PRO A HB3  1 
ATOM 415 H HG2  . PRO A 1 26 ? 3.540   -6.779  -1.600  1.00 30.00 ? 26 PRO A HG2  1 
ATOM 416 H HG3  . PRO A 1 26 ? 5.085   -6.754  -0.666  1.00 30.00 ? 26 PRO A HG3  1 
ATOM 417 H HD2  . PRO A 1 26 ? 2.694   -6.265  0.565   1.00 30.00 ? 26 PRO A HD2  1 
ATOM 418 H HD3  . PRO A 1 26 ? 4.118   -5.272  1.005   1.00 30.00 ? 26 PRO A HD3  1 
ATOM 419 N N    . ALA A 1 27 ? 2.965   -2.321  -3.414  1.00 30.00 ? 27 ALA A N    1 
ATOM 420 C CA   . ALA A 1 27 ? 4.285   -1.876  -3.946  1.00 30.00 ? 27 ALA A CA   1 
ATOM 421 C C    . ALA A 1 27 ? 4.784   -0.467  -3.483  1.00 30.00 ? 27 ALA A C    1 
ATOM 422 O O    . ALA A 1 27 ? 5.265   0.326   -4.298  1.00 30.00 ? 27 ALA A O    1 
ATOM 423 C CB   . ALA A 1 27 ? 4.117   -2.021  -5.472  1.00 30.00 ? 27 ALA A CB   1 
ATOM 424 H H    . ALA A 1 27 ? 2.073   -1.809  -3.500  1.00 30.00 ? 27 ALA A H    1 
ATOM 425 H HA   . ALA A 1 27 ? 5.096   -2.571  -3.649  1.00 30.00 ? 27 ALA A HA   1 
ATOM 426 H HB1  . ALA A 1 27 ? 3.867   -3.057  -5.767  1.00 30.00 ? 27 ALA A HB1  1 
ATOM 427 H HB2  . ALA A 1 27 ? 3.312   -1.374  -5.863  1.00 30.00 ? 27 ALA A HB2  1 
ATOM 428 H HB3  . ALA A 1 27 ? 5.040   -1.745  -6.009  1.00 30.00 ? 27 ALA A HB3  1 
ATOM 429 N N    . CYS A 1 28 ? 4.715   -0.162  -2.173  1.00 30.00 ? 28 CYS A N    1 
ATOM 430 C CA   . CYS A 1 28 ? 4.965   1.215   -1.660  1.00 30.00 ? 28 CYS A CA   1 
ATOM 431 C C    . CYS A 1 28 ? 6.375   1.853   -1.915  1.00 30.00 ? 28 CYS A C    1 
ATOM 432 O O    . CYS A 1 28 ? 7.370   1.518   -1.266  1.00 30.00 ? 28 CYS A O    1 
ATOM 433 C CB   . CYS A 1 28 ? 4.607   1.181   -0.161  1.00 30.00 ? 28 CYS A CB   1 
ATOM 434 S SG   . CYS A 1 28 ? 5.774   0.168   0.829   1.00 30.00 ? 28 CYS A SG   1 
ATOM 435 H H    . CYS A 1 28 ? 4.075   -0.797  -1.676  1.00 30.00 ? 28 CYS A H    1 
ATOM 436 H HA   . CYS A 1 28 ? 4.210   1.881   -2.123  1.00 30.00 ? 28 CYS A HA   1 
ATOM 437 H HB2  . CYS A 1 28 ? 4.530   2.191   0.277   1.00 30.00 ? 28 CYS A HB2  1 
ATOM 438 H HB3  . CYS A 1 28 ? 3.592   0.791   -0.060  1.00 30.00 ? 28 CYS A HB3  1 
ATOM 439 H HG   . CYS A 1 28 ? 6.704   1.098   1.042   1.00 30.00 ? 28 CYS A HG   1 
ATOM 440 N N    . MET A 1 29 ? 6.431   2.864   -2.798  1.00 30.00 ? 29 MET A N    1 
ATOM 441 C CA   . MET A 1 29 ? 7.616   3.771   -2.912  1.00 30.00 ? 29 MET A CA   1 
ATOM 442 C C    . MET A 1 29 ? 7.551   4.979   -1.904  1.00 30.00 ? 29 MET A C    1 
ATOM 443 O O    . MET A 1 29 ? 7.556   6.154   -2.281  1.00 30.00 ? 29 MET A O    1 
ATOM 444 C CB   . MET A 1 29 ? 7.756   4.194   -4.402  1.00 30.00 ? 29 MET A CB   1 
ATOM 445 C CG   . MET A 1 29 ? 8.143   3.070   -5.392  1.00 30.00 ? 29 MET A CG   1 
ATOM 446 S SD   . MET A 1 29 ? 8.253   3.715   -7.075  1.00 30.00 ? 29 MET A SD   1 
ATOM 447 C CE   . MET A 1 29 ? 9.959   4.292   -7.099  1.00 30.00 ? 29 MET A CE   1 
ATOM 448 H H    . MET A 1 29 ? 5.667   2.874   -3.478  1.00 30.00 ? 29 MET A H    1 
ATOM 449 H HA   . MET A 1 29 ? 8.541   3.223   -2.641  1.00 30.00 ? 29 MET A HA   1 
ATOM 450 H HB2  . MET A 1 29 ? 6.827   4.691   -4.743  1.00 30.00 ? 29 MET A HB2  1 
ATOM 451 H HB3  . MET A 1 29 ? 8.528   4.984   -4.474  1.00 30.00 ? 29 MET A HB3  1 
ATOM 452 H HG2  . MET A 1 29 ? 9.097   2.588   -5.108  1.00 30.00 ? 29 MET A HG2  1 
ATOM 453 H HG3  . MET A 1 29 ? 7.384   2.263   -5.385  1.00 30.00 ? 29 MET A HG3  1 
ATOM 454 H HE1  . MET A 1 29 ? 10.205  4.723   -8.086  1.00 30.00 ? 29 MET A HE1  1 
ATOM 455 H HE2  . MET A 1 29 ? 10.124  5.073   -6.335  1.00 30.00 ? 29 MET A HE2  1 
ATOM 456 H HE3  . MET A 1 29 ? 10.658  3.460   -6.903  1.00 30.00 ? 29 MET A HE3  1 
ATOM 457 N N    . LYS A 1 30 ? 7.507   4.662   -0.598  1.00 30.00 ? 30 LYS A N    1 
ATOM 458 C CA   . LYS A 1 30 ? 7.426   5.635   0.508   1.00 30.00 ? 30 LYS A CA   1 
ATOM 459 C C    . LYS A 1 30 ? 8.308   5.130   1.699   1.00 30.00 ? 30 LYS A C    1 
ATOM 460 O O    . LYS A 1 30 ? 7.938   4.158   2.361   1.00 30.00 ? 30 LYS A O    1 
ATOM 461 C CB   . LYS A 1 30 ? 5.966   5.901   0.999   1.00 30.00 ? 30 LYS A CB   1 
ATOM 462 C CG   . LYS A 1 30 ? 4.843   6.253   -0.014  1.00 30.00 ? 30 LYS A CG   1 
ATOM 463 C CD   . LYS A 1 30 ? 4.055   5.013   -0.503  1.00 30.00 ? 30 LYS A CD   1 
ATOM 464 C CE   . LYS A 1 30 ? 2.779   5.291   -1.324  1.00 30.00 ? 30 LYS A CE   1 
ATOM 465 N NZ   . LYS A 1 30 ? 1.738   5.959   -0.508  1.00 30.00 ? 30 LYS A NZ   1 
ATOM 466 H H    . LYS A 1 30 ? 7.447   3.667   -0.419  1.00 30.00 ? 30 LYS A H    1 
ATOM 467 H HA   . LYS A 1 30 ? 7.846   6.570   0.132   1.00 30.00 ? 30 LYS A HA   1 
ATOM 468 H HB2  . LYS A 1 30 ? 5.626   5.059   1.633   1.00 30.00 ? 30 LYS A HB2  1 
ATOM 469 H HB3  . LYS A 1 30 ? 6.041   6.747   1.707   1.00 30.00 ? 30 LYS A HB3  1 
ATOM 470 H HG2  . LYS A 1 30 ? 4.134   6.948   0.476   1.00 30.00 ? 30 LYS A HG2  1 
ATOM 471 H HG3  . LYS A 1 30 ? 5.248   6.822   -0.874  1.00 30.00 ? 30 LYS A HG3  1 
ATOM 472 H HD2  . LYS A 1 30 ? 4.736   4.392   -1.113  1.00 30.00 ? 30 LYS A HD2  1 
ATOM 473 H HD3  . LYS A 1 30 ? 3.795   4.374   0.359   1.00 30.00 ? 30 LYS A HD3  1 
ATOM 474 H HE2  . LYS A 1 30 ? 3.013   5.905   -2.217  1.00 30.00 ? 30 LYS A HE2  1 
ATOM 475 H HE3  . LYS A 1 30 ? 2.377   4.337   -1.726  1.00 30.00 ? 30 LYS A HE3  1 
ATOM 476 H HZ1  . LYS A 1 30 ? 1.540   5.465   0.374   1.00 30.00 ? 30 LYS A HZ1  1 
ATOM 477 H HZ2  . LYS A 1 30 ? 0.839   6.035   -0.999  1.00 30.00 ? 30 LYS A HZ2  1 
ATOM 478 N N    . ALA A 1 31 ? 9.456   5.778   1.985   1.00 30.00 ? 31 ALA A N    1 
ATOM 479 C CA   . ALA A 1 31 ? 10.395  5.379   3.082   1.00 30.00 ? 31 ALA A CA   1 
ATOM 480 C C    . ALA A 1 31 ? 10.985  3.933   2.975   1.00 30.00 ? 31 ALA A C    1 
ATOM 481 O O    . ALA A 1 31 ? 12.006  3.664   2.347   1.00 30.00 ? 31 ALA A O    1 
ATOM 482 C CB   . ALA A 1 31 ? 9.782   5.735   4.458   1.00 30.00 ? 31 ALA A CB   1 
ATOM 483 H H    . ALA A 1 31 ? 9.684   6.526   1.324   1.00 30.00 ? 31 ALA A H    1 
ATOM 484 H HA   . ALA A 1 31 ? 11.285  6.028   2.974   1.00 30.00 ? 31 ALA A HA   1 
ATOM 485 H HB1  . ALA A 1 31 ? 10.467  5.524   5.297   1.00 30.00 ? 31 ALA A HB1  1 
ATOM 486 H HB2  . ALA A 1 31 ? 9.517   6.807   4.527   1.00 30.00 ? 31 ALA A HB2  1 
ATOM 487 H HB3  . ALA A 1 31 ? 8.854   5.162   4.657   1.00 30.00 ? 31 ALA A HB3  1 
# 
